data_9G9S
#
_entry.id   9G9S
#
_cell.length_a   50.999
_cell.length_b   55.357
_cell.length_c   64.693
_cell.angle_alpha   98.676
_cell.angle_beta   95.002
_cell.angle_gamma   99.014
#
_symmetry.space_group_name_H-M   'P 1'
#
loop_
_entity.id
_entity.type
_entity.pdbx_description
1 polymer 'Cytochrome P450 CYP199'
2 non-polymer 'PROTOPORPHYRIN IX CONTAINING FE'
3 non-polymer '3,4-dimethoxybenzoic acid'
4 non-polymer GLYCEROL
5 water water
#
_entity_poly.entity_id   1
_entity_poly.type   'polypeptide(L)'
_entity_poly.pdbx_seq_one_letter_code
;MGSSHHHHHSSGENLYFQGHMFAPAPALPVSDADPFALDVLQDPLPFQANLRDAGPVVYLRRYDVFALGRYEQVHAALTD
WQSFQSAAGVGLSNFRYETPWRPPSILLEADPPHHDAPRAVLSKILGPRALQKLRAAWIQDAEALVDQLLANTTEFDAVT
DLAAAFPLRVFPDAVGIPDAGRENLLPYGDHAFNAFGPANGLVEKGAPRVAELSGWVNAQCARDALTGDGFGAQIWAAAD
RGDITYEQAPLVVRSLLTAGVDTTVNGLAAVLYAFATHPDQWARLRENRTLARTAFDEAVRWESPVQTFFRTATRDTEIG
GATIPDGKKILMFLGAANRDPRRWENPEVFDLGRNPSGHVGYGMGIHQCVGQHVARLESEALLTALASRVHSLEIAGPVH
RHLNNTLRSWESVPVKVRLP
;
_entity_poly.pdbx_strand_id   A,B
#
loop_
_chem_comp.id
_chem_comp.type
_chem_comp.name
_chem_comp.formula
GOL non-polymer GLYCEROL 'C3 H8 O3'
HEM non-polymer 'PROTOPORPHYRIN IX CONTAINING FE' 'C34 H32 Fe N4 O4'
TWO non-polymer '3,4-dimethoxybenzoic acid' 'C9 H10 O4'
#
# COMPACT_ATOMS: atom_id res chain seq x y z
N LEU A 28 24.77 6.60 -20.20
CA LEU A 28 23.29 6.58 -20.12
C LEU A 28 22.88 6.84 -18.68
N PRO A 29 22.13 7.90 -18.33
CA PRO A 29 21.79 8.13 -16.94
C PRO A 29 21.03 6.92 -16.37
N VAL A 30 21.38 6.57 -15.14
CA VAL A 30 20.71 5.52 -14.40
C VAL A 30 20.12 6.13 -13.15
N SER A 31 18.85 5.80 -12.86
CA SER A 31 18.22 6.33 -11.66
C SER A 31 17.24 5.33 -11.07
N ASP A 32 17.14 5.37 -9.74
CA ASP A 32 16.18 4.60 -8.97
C ASP A 32 14.90 5.38 -8.71
N ALA A 33 14.64 6.44 -9.49
CA ALA A 33 13.37 7.16 -9.36
C ALA A 33 12.23 6.19 -9.68
N ASP A 34 11.16 6.23 -8.89
CA ASP A 34 10.05 5.30 -9.07
C ASP A 34 8.78 6.00 -9.56
N PRO A 35 8.42 5.89 -10.86
CA PRO A 35 7.28 6.63 -11.37
C PRO A 35 5.95 6.18 -10.76
N PHE A 36 5.92 5.00 -10.12
CA PHE A 36 4.67 4.55 -9.58
C PHE A 36 4.64 4.56 -8.05
N ALA A 37 5.64 5.14 -7.40
CA ALA A 37 5.56 5.48 -5.98
C ALA A 37 4.41 6.45 -5.76
N LEU A 38 3.79 6.37 -4.60
CA LEU A 38 2.60 7.16 -4.33
C LEU A 38 2.94 8.66 -4.35
N ASP A 39 4.14 9.03 -3.92
CA ASP A 39 4.49 10.44 -3.87
C ASP A 39 4.58 11.05 -5.28
N VAL A 40 5.05 10.23 -6.24
CA VAL A 40 5.13 10.70 -7.60
C VAL A 40 3.72 10.79 -8.17
N LEU A 41 2.97 9.73 -7.98
CA LEU A 41 1.60 9.74 -8.47
C LEU A 41 0.81 10.92 -7.91
N GLN A 42 1.07 11.31 -6.66
CA GLN A 42 0.32 12.41 -6.10
C GLN A 42 0.72 13.70 -6.83
N ASP A 43 2.03 13.91 -6.98
CA ASP A 43 2.54 15.10 -7.62
C ASP A 43 3.75 14.75 -8.48
N PRO A 44 3.53 14.44 -9.78
CA PRO A 44 4.61 14.04 -10.68
C PRO A 44 5.49 15.15 -11.25
N LEU A 45 5.22 16.43 -10.95
CA LEU A 45 5.90 17.51 -11.67
C LEU A 45 7.40 17.48 -11.35
N PRO A 46 7.83 17.27 -10.09
CA PRO A 46 9.27 17.22 -9.83
C PRO A 46 9.96 16.13 -10.63
N PHE A 47 9.33 14.95 -10.65
CA PHE A 47 9.76 13.80 -11.43
C PHE A 47 9.86 14.15 -12.92
N GLN A 48 8.84 14.81 -13.49
CA GLN A 48 8.94 15.20 -14.89
C GLN A 48 10.17 16.05 -15.18
N ALA A 49 10.43 17.06 -14.34
CA ALA A 49 11.51 18.00 -14.56
C ALA A 49 12.85 17.29 -14.40
N ASN A 50 12.98 16.50 -13.33
CA ASN A 50 14.18 15.71 -13.14
C ASN A 50 14.43 14.84 -14.37
N LEU A 51 13.37 14.22 -14.91
CA LEU A 51 13.45 13.30 -16.04
C LEU A 51 13.96 13.99 -17.30
N ARG A 52 13.30 15.10 -17.67
CA ARG A 52 13.62 15.84 -18.88
C ARG A 52 15.05 16.40 -18.78
N ASP A 53 15.38 16.94 -17.61
CA ASP A 53 16.67 17.56 -17.39
C ASP A 53 17.80 16.54 -17.58
N ALA A 54 17.60 15.33 -17.05
CA ALA A 54 18.68 14.36 -16.94
C ALA A 54 19.21 14.01 -18.33
N GLY A 55 18.30 13.75 -19.26
CA GLY A 55 18.71 13.53 -20.63
C GLY A 55 17.51 13.05 -21.45
N PRO A 56 17.70 12.82 -22.76
CA PRO A 56 16.63 12.27 -23.58
C PRO A 56 16.13 10.92 -23.08
N VAL A 57 17.04 10.15 -22.46
CA VAL A 57 16.75 8.77 -22.08
C VAL A 57 17.35 8.49 -20.71
N VAL A 58 16.53 7.98 -19.80
CA VAL A 58 16.99 7.64 -18.46
C VAL A 58 16.68 6.16 -18.20
N TYR A 59 17.69 5.43 -17.73
CA TYR A 59 17.45 4.04 -17.37
C TYR A 59 16.88 3.98 -15.95
N LEU A 60 15.63 3.47 -15.84
CA LEU A 60 14.97 3.22 -14.57
C LEU A 60 15.34 1.82 -14.07
N ARG A 61 16.43 1.77 -13.28
CA ARG A 61 16.99 0.57 -12.67
C ARG A 61 15.91 -0.24 -11.97
N ARG A 62 14.89 0.43 -11.42
CA ARG A 62 13.89 -0.31 -10.67
C ARG A 62 13.14 -1.27 -11.58
N TYR A 63 12.86 -0.85 -12.82
CA TYR A 63 11.98 -1.60 -13.70
C TYR A 63 12.70 -2.08 -14.96
N ASP A 64 13.98 -1.73 -15.10
CA ASP A 64 14.77 -2.11 -16.26
C ASP A 64 14.05 -1.68 -17.54
N VAL A 65 13.55 -0.46 -17.54
CA VAL A 65 12.92 0.17 -18.70
C VAL A 65 13.59 1.53 -18.89
N PHE A 66 13.51 2.01 -20.12
CA PHE A 66 14.13 3.22 -20.60
C PHE A 66 13.09 4.33 -20.67
N ALA A 67 13.28 5.40 -19.87
CA ALA A 67 12.30 6.48 -19.74
C ALA A 67 12.61 7.60 -20.70
N LEU A 68 11.55 8.13 -21.31
CA LEU A 68 11.57 9.27 -22.21
C LEU A 68 10.59 10.30 -21.68
N GLY A 69 11.04 11.55 -21.50
CA GLY A 69 10.24 12.61 -20.91
C GLY A 69 10.19 13.85 -21.77
N ARG A 70 11.12 13.98 -22.71
CA ARG A 70 11.13 15.13 -23.58
C ARG A 70 10.17 14.91 -24.73
N TYR A 71 9.57 16.01 -25.17
CA TYR A 71 8.65 16.03 -26.29
C TYR A 71 9.24 15.38 -27.53
N GLU A 72 10.52 15.65 -27.87
CA GLU A 72 11.08 15.18 -29.13
C GLU A 72 11.11 13.65 -29.18
N GLN A 73 11.54 13.00 -28.09
CA GLN A 73 11.71 11.55 -28.08
C GLN A 73 10.36 10.83 -27.85
N VAL A 74 9.52 11.41 -26.99
CA VAL A 74 8.19 10.86 -26.73
C VAL A 74 7.38 10.89 -28.03
N HIS A 75 7.42 12.02 -28.72
CA HIS A 75 6.73 12.17 -29.99
C HIS A 75 7.23 11.14 -31.01
N ALA A 76 8.57 10.99 -31.14
CA ALA A 76 9.17 10.04 -32.06
C ALA A 76 8.91 8.58 -31.66
N ALA A 77 9.12 8.21 -30.38
CA ALA A 77 8.79 6.86 -29.94
C ALA A 77 7.33 6.49 -30.24
N LEU A 78 6.41 7.42 -29.97
CA LEU A 78 4.98 7.15 -30.21
C LEU A 78 4.72 6.79 -31.68
N THR A 79 5.33 7.52 -32.63
CA THR A 79 5.00 7.34 -34.03
C THR A 79 5.78 6.19 -34.64
N ASP A 80 6.82 5.72 -33.94
CA ASP A 80 7.74 4.74 -34.51
C ASP A 80 7.25 3.35 -34.14
N TRP A 81 6.14 2.95 -34.72
CA TRP A 81 5.54 1.68 -34.35
C TRP A 81 6.44 0.52 -34.77
N GLN A 82 7.22 0.70 -35.85
CA GLN A 82 8.08 -0.36 -36.36
C GLN A 82 9.20 -0.72 -35.37
N SER A 83 9.83 0.29 -34.77
CA SER A 83 10.91 0.05 -33.82
C SER A 83 10.36 -0.29 -32.44
N PHE A 84 9.18 0.28 -32.12
CA PHE A 84 8.57 0.28 -30.79
C PHE A 84 7.12 -0.23 -30.87
N GLN A 85 6.97 -1.54 -30.62
CA GLN A 85 5.70 -2.22 -30.87
C GLN A 85 4.78 -2.13 -29.65
N SER A 86 3.52 -2.47 -29.90
CA SER A 86 2.46 -2.45 -28.91
C SER A 86 1.91 -3.84 -28.54
N ALA A 87 2.25 -4.90 -29.30
CA ALA A 87 1.58 -6.19 -29.15
C ALA A 87 2.14 -7.01 -27.99
N ALA A 88 3.32 -6.65 -27.48
CA ALA A 88 3.85 -7.26 -26.27
C ALA A 88 3.38 -6.51 -25.03
N GLY A 89 2.31 -5.69 -25.19
CA GLY A 89 1.77 -4.88 -24.11
C GLY A 89 2.29 -3.43 -24.11
N VAL A 90 1.39 -2.50 -23.82
CA VAL A 90 1.76 -1.12 -23.62
C VAL A 90 1.77 -0.78 -22.13
N GLY A 91 1.62 -1.78 -21.26
CA GLY A 91 1.92 -1.65 -19.83
C GLY A 91 3.29 -2.23 -19.49
N LEU A 92 3.63 -2.36 -18.20
CA LEU A 92 4.95 -2.83 -17.81
C LEU A 92 5.08 -4.31 -18.18
N SER A 93 4.00 -5.06 -17.95
CA SER A 93 3.91 -6.49 -18.22
C SER A 93 4.33 -6.81 -19.66
N ASN A 94 5.19 -7.83 -19.83
CA ASN A 94 5.66 -8.23 -21.15
C ASN A 94 4.94 -9.50 -21.62
N PHE A 95 4.14 -9.35 -22.68
CA PHE A 95 3.20 -10.40 -23.07
C PHE A 95 3.93 -11.56 -23.77
N ARG A 96 5.20 -11.34 -24.10
CA ARG A 96 6.06 -12.43 -24.54
C ARG A 96 6.14 -13.49 -23.44
N TYR A 97 6.03 -13.09 -22.17
CA TYR A 97 6.24 -14.02 -21.10
C TYR A 97 5.07 -14.05 -20.13
N GLU A 98 4.34 -12.94 -19.98
CA GLU A 98 3.41 -12.77 -18.88
C GLU A 98 1.97 -12.88 -19.37
N THR A 99 1.13 -13.50 -18.53
CA THR A 99 -0.28 -13.70 -18.84
C THR A 99 -1.00 -12.35 -18.74
N PRO A 100 -1.64 -11.81 -19.81
CA PRO A 100 -2.42 -10.57 -19.64
C PRO A 100 -3.62 -10.79 -18.69
N TRP A 101 -4.06 -9.72 -18.01
CA TRP A 101 -5.18 -9.85 -17.09
C TRP A 101 -6.48 -10.09 -17.84
N ARG A 102 -6.51 -9.77 -19.14
CA ARG A 102 -7.65 -10.02 -19.99
C ARG A 102 -7.15 -10.19 -21.41
N PRO A 103 -7.99 -10.66 -22.36
CA PRO A 103 -7.55 -10.73 -23.75
C PRO A 103 -7.18 -9.33 -24.18
N PRO A 104 -5.93 -9.08 -24.59
CA PRO A 104 -5.52 -7.73 -24.92
C PRO A 104 -6.41 -7.05 -25.95
N SER A 105 -6.57 -5.73 -25.81
CA SER A 105 -7.18 -4.94 -26.84
C SER A 105 -6.63 -5.28 -28.24
N ILE A 106 -7.54 -5.45 -29.19
CA ILE A 106 -7.14 -5.65 -30.58
C ILE A 106 -6.95 -4.30 -31.31
N LEU A 107 -7.13 -3.16 -30.64
CA LEU A 107 -6.57 -1.90 -31.09
C LEU A 107 -5.29 -1.57 -30.31
N LEU A 108 -5.42 -1.33 -29.00
CA LEU A 108 -4.32 -0.75 -28.25
C LEU A 108 -3.07 -1.63 -28.26
N GLU A 109 -3.27 -2.94 -28.18
CA GLU A 109 -2.21 -3.90 -27.92
C GLU A 109 -2.01 -4.75 -29.19
N ALA A 110 -2.11 -4.07 -30.34
CA ALA A 110 -1.95 -4.70 -31.64
C ALA A 110 -1.06 -3.85 -32.54
N ASP A 111 -0.34 -4.53 -33.42
CA ASP A 111 0.54 -3.87 -34.35
C ASP A 111 -0.06 -4.04 -35.74
N PRO A 112 0.40 -3.25 -36.74
CA PRO A 112 0.10 -3.56 -38.13
C PRO A 112 0.60 -4.96 -38.47
N PRO A 113 -0.04 -5.72 -39.38
CA PRO A 113 -1.30 -5.34 -40.04
C PRO A 113 -2.59 -5.67 -39.28
N HIS A 114 -2.49 -6.30 -38.10
CA HIS A 114 -3.63 -6.75 -37.32
C HIS A 114 -4.44 -5.56 -36.84
N HIS A 115 -3.73 -4.49 -36.43
CA HIS A 115 -4.32 -3.24 -35.96
C HIS A 115 -5.20 -2.54 -37.01
N ASP A 116 -4.92 -2.79 -38.31
CA ASP A 116 -5.36 -1.93 -39.38
C ASP A 116 -6.88 -1.89 -39.45
N ALA A 117 -7.55 -3.05 -39.49
CA ALA A 117 -8.97 -3.08 -39.79
C ALA A 117 -9.83 -2.65 -38.60
N PRO A 118 -9.58 -3.10 -37.34
CA PRO A 118 -10.30 -2.52 -36.20
C PRO A 118 -10.11 -1.00 -36.06
N ARG A 119 -8.90 -0.49 -36.29
CA ARG A 119 -8.65 0.95 -36.24
C ARG A 119 -9.49 1.71 -37.26
N ALA A 120 -9.49 1.25 -38.52
CA ALA A 120 -10.23 1.93 -39.58
C ALA A 120 -11.73 1.93 -39.28
N VAL A 121 -12.24 0.85 -38.67
CA VAL A 121 -13.65 0.75 -38.32
C VAL A 121 -14.02 1.84 -37.30
N LEU A 122 -13.25 1.99 -36.21
CA LEU A 122 -13.53 2.99 -35.19
C LEU A 122 -13.20 4.41 -35.64
N SER A 123 -12.17 4.58 -36.46
CA SER A 123 -11.76 5.89 -36.90
C SER A 123 -12.90 6.54 -37.69
N LYS A 124 -13.66 5.74 -38.44
CA LYS A 124 -14.82 6.22 -39.17
C LYS A 124 -15.99 6.53 -38.23
N ILE A 125 -16.33 5.58 -37.36
CA ILE A 125 -17.50 5.65 -36.50
C ILE A 125 -17.38 6.80 -35.50
N LEU A 126 -16.16 7.09 -35.05
CA LEU A 126 -15.99 8.09 -34.02
C LEU A 126 -15.43 9.40 -34.59
N GLY A 127 -15.41 9.50 -35.93
CA GLY A 127 -14.79 10.64 -36.60
C GLY A 127 -15.72 11.87 -36.67
N PRO A 128 -15.17 13.08 -36.97
CA PRO A 128 -15.95 14.34 -36.95
C PRO A 128 -17.29 14.28 -37.68
N ARG A 129 -17.30 13.82 -38.94
CA ARG A 129 -18.53 13.74 -39.71
C ARG A 129 -19.58 12.85 -39.01
N ALA A 130 -19.16 11.72 -38.44
CA ALA A 130 -20.06 10.81 -37.77
C ALA A 130 -20.66 11.43 -36.50
N LEU A 131 -19.92 12.26 -35.80
CA LEU A 131 -20.41 12.86 -34.57
C LEU A 131 -21.34 14.06 -34.83
N GLN A 132 -21.33 14.59 -36.06
N GLN A 132 -21.29 14.60 -36.06
CA GLN A 132 -22.17 15.73 -36.39
CA GLN A 132 -22.17 15.69 -36.49
C GLN A 132 -23.60 15.49 -35.93
C GLN A 132 -23.57 15.48 -35.93
N LYS A 133 -24.08 14.25 -36.12
CA LYS A 133 -25.44 13.87 -35.79
C LYS A 133 -25.77 13.92 -34.29
N LEU A 134 -24.74 14.05 -33.43
CA LEU A 134 -24.90 13.97 -31.98
C LEU A 134 -24.65 15.32 -31.29
N ARG A 135 -24.10 16.31 -32.03
CA ARG A 135 -23.67 17.58 -31.45
C ARG A 135 -24.84 18.31 -30.78
N ALA A 136 -25.96 18.43 -31.51
CA ALA A 136 -27.14 19.11 -30.99
C ALA A 136 -27.58 18.43 -29.69
N ALA A 137 -27.61 17.10 -29.70
CA ALA A 137 -28.17 16.35 -28.60
C ALA A 137 -27.27 16.44 -27.37
N TRP A 138 -25.96 16.37 -27.57
CA TRP A 138 -25.05 16.42 -26.44
C TRP A 138 -24.98 17.83 -25.84
N ILE A 139 -25.04 18.83 -26.68
CA ILE A 139 -25.10 20.21 -26.23
C ILE A 139 -26.36 20.46 -25.38
N GLN A 140 -27.50 20.00 -25.87
CA GLN A 140 -28.74 20.17 -25.14
C GLN A 140 -28.72 19.40 -23.82
N ASP A 141 -28.21 18.16 -23.86
CA ASP A 141 -28.16 17.35 -22.67
C ASP A 141 -27.36 18.06 -21.57
N ALA A 142 -26.19 18.57 -21.94
CA ALA A 142 -25.34 19.36 -21.06
C ALA A 142 -26.10 20.57 -20.49
N GLU A 143 -26.87 21.26 -21.33
CA GLU A 143 -27.66 22.38 -20.87
C GLU A 143 -28.69 21.92 -19.82
N ALA A 144 -29.31 20.76 -20.04
CA ALA A 144 -30.31 20.27 -19.12
C ALA A 144 -29.66 19.90 -17.79
N LEU A 145 -28.46 19.34 -17.86
CA LEU A 145 -27.75 18.89 -16.69
C LEU A 145 -27.33 20.08 -15.86
N VAL A 146 -26.79 21.10 -16.55
CA VAL A 146 -26.25 22.27 -15.89
C VAL A 146 -27.41 23.06 -15.29
N ASP A 147 -28.50 23.22 -16.03
CA ASP A 147 -29.61 24.01 -15.51
C ASP A 147 -30.25 23.31 -14.30
N GLN A 148 -30.35 21.97 -14.34
CA GLN A 148 -30.90 21.20 -13.22
C GLN A 148 -30.00 21.33 -12.00
N LEU A 149 -28.69 21.29 -12.24
CA LEU A 149 -27.75 21.34 -11.15
C LEU A 149 -27.80 22.69 -10.44
N LEU A 150 -27.83 23.77 -11.22
CA LEU A 150 -27.72 25.11 -10.67
C LEU A 150 -29.04 25.49 -10.01
N ALA A 151 -30.16 24.99 -10.56
CA ALA A 151 -31.43 25.10 -9.86
C ALA A 151 -31.33 24.46 -8.46
N ASN A 152 -30.60 23.34 -8.35
CA ASN A 152 -30.47 22.65 -7.09
C ASN A 152 -29.52 23.40 -6.14
N THR A 153 -28.31 23.76 -6.59
CA THR A 153 -27.32 24.25 -5.65
C THR A 153 -26.26 25.05 -6.40
N THR A 154 -25.59 25.96 -5.66
CA THR A 154 -24.41 26.66 -6.16
C THR A 154 -23.15 26.06 -5.55
N GLU A 155 -23.28 24.97 -4.79
CA GLU A 155 -22.17 24.29 -4.12
C GLU A 155 -22.33 22.79 -4.37
N PHE A 156 -21.39 22.20 -5.11
CA PHE A 156 -21.54 20.85 -5.61
C PHE A 156 -20.17 20.28 -5.91
N ASP A 157 -20.10 18.94 -6.09
CA ASP A 157 -18.88 18.28 -6.48
C ASP A 157 -18.80 18.26 -8.00
N ALA A 158 -17.68 18.76 -8.53
CA ALA A 158 -17.53 18.88 -9.97
C ALA A 158 -17.33 17.50 -10.58
N VAL A 159 -16.78 16.59 -9.78
CA VAL A 159 -16.52 15.26 -10.25
C VAL A 159 -17.86 14.56 -10.33
N THR A 160 -18.55 14.48 -9.20
CA THR A 160 -19.68 13.59 -9.13
C THR A 160 -20.81 14.18 -9.96
N ASP A 161 -21.01 15.50 -9.82
CA ASP A 161 -22.21 16.14 -10.34
C ASP A 161 -22.03 16.58 -11.80
N LEU A 162 -20.79 16.60 -12.34
CA LEU A 162 -20.56 17.11 -13.68
C LEU A 162 -19.67 16.17 -14.49
N ALA A 163 -18.41 16.04 -14.09
CA ALA A 163 -17.46 15.27 -14.88
C ALA A 163 -17.97 13.84 -15.06
N ALA A 164 -18.58 13.26 -14.02
CA ALA A 164 -18.96 11.85 -14.01
C ALA A 164 -20.38 11.66 -14.52
N ALA A 165 -21.29 12.52 -14.02
CA ALA A 165 -22.67 12.55 -14.47
C ALA A 165 -22.76 12.57 -15.99
N PHE A 166 -22.01 13.48 -16.63
CA PHE A 166 -22.28 13.79 -18.04
C PHE A 166 -21.87 12.66 -18.98
N PRO A 167 -20.62 12.16 -18.97
CA PRO A 167 -20.23 11.10 -19.88
C PRO A 167 -21.15 9.91 -19.71
N LEU A 168 -21.46 9.63 -18.43
CA LEU A 168 -22.29 8.50 -18.07
C LEU A 168 -23.71 8.70 -18.61
N ARG A 169 -24.20 9.91 -18.80
CA ARG A 169 -25.43 9.99 -19.57
C ARG A 169 -25.14 9.56 -21.01
N VAL A 170 -24.44 10.45 -21.74
CA VAL A 170 -24.44 10.48 -23.19
C VAL A 170 -23.59 9.37 -23.82
N PHE A 171 -22.54 8.87 -23.17
CA PHE A 171 -21.62 8.04 -23.94
C PHE A 171 -22.20 6.63 -24.10
N PRO A 172 -22.56 5.94 -23.00
CA PRO A 172 -23.09 4.59 -23.09
C PRO A 172 -24.37 4.56 -23.93
N ASP A 173 -25.15 5.64 -23.86
CA ASP A 173 -26.30 5.79 -24.71
C ASP A 173 -25.87 5.71 -26.17
N ALA A 174 -24.87 6.51 -26.56
CA ALA A 174 -24.44 6.61 -27.94
C ALA A 174 -23.85 5.28 -28.44
N VAL A 175 -23.13 4.58 -27.55
CA VAL A 175 -22.67 3.23 -27.81
C VAL A 175 -23.87 2.28 -28.00
N GLY A 176 -24.89 2.40 -27.13
CA GLY A 176 -26.14 1.68 -27.24
C GLY A 176 -26.29 0.54 -26.23
N ILE A 177 -25.64 0.64 -25.05
CA ILE A 177 -25.76 -0.37 -24.02
C ILE A 177 -26.94 -0.05 -23.10
N PRO A 178 -27.45 -1.03 -22.31
CA PRO A 178 -28.54 -0.74 -21.37
C PRO A 178 -28.11 0.13 -20.19
N ASP A 179 -29.11 0.57 -19.41
CA ASP A 179 -28.88 1.43 -18.27
C ASP A 179 -28.44 0.59 -17.07
N ALA A 180 -28.98 -0.62 -16.91
CA ALA A 180 -28.59 -1.47 -15.79
C ALA A 180 -27.09 -1.75 -15.86
N GLY A 181 -26.39 -1.51 -14.73
CA GLY A 181 -24.99 -1.89 -14.58
C GLY A 181 -23.98 -0.80 -14.96
N ARG A 182 -24.43 0.34 -15.50
CA ARG A 182 -23.51 1.39 -15.94
C ARG A 182 -22.50 1.78 -14.86
N GLU A 183 -22.83 1.51 -13.58
CA GLU A 183 -21.93 1.82 -12.47
C GLU A 183 -20.62 1.03 -12.57
N ASN A 184 -20.60 -0.01 -13.43
CA ASN A 184 -19.45 -0.89 -13.57
C ASN A 184 -18.39 -0.28 -14.48
N LEU A 185 -18.77 0.72 -15.29
CA LEU A 185 -17.87 1.24 -16.31
C LEU A 185 -16.63 1.86 -15.65
N LEU A 186 -16.80 2.62 -14.57
CA LEU A 186 -15.67 3.36 -13.97
C LEU A 186 -14.70 2.41 -13.29
N PRO A 187 -15.14 1.53 -12.37
CA PRO A 187 -14.22 0.56 -11.78
C PRO A 187 -13.50 -0.31 -12.83
N TYR A 188 -14.14 -0.55 -13.98
CA TYR A 188 -13.55 -1.43 -14.99
C TYR A 188 -12.39 -0.69 -15.67
N GLY A 189 -12.67 0.57 -16.05
CA GLY A 189 -11.70 1.46 -16.66
C GLY A 189 -10.54 1.75 -15.73
N ASP A 190 -10.86 2.02 -14.46
CA ASP A 190 -9.87 2.24 -13.44
C ASP A 190 -8.97 1.01 -13.36
N HIS A 191 -9.54 -0.20 -13.26
CA HIS A 191 -8.71 -1.41 -13.20
C HIS A 191 -7.79 -1.46 -14.44
N ALA A 192 -8.34 -1.16 -15.62
CA ALA A 192 -7.61 -1.30 -16.87
C ALA A 192 -6.37 -0.42 -16.85
N PHE A 193 -6.52 0.79 -16.29
CA PHE A 193 -5.44 1.78 -16.31
C PHE A 193 -4.39 1.40 -15.27
N ASN A 194 -4.83 0.93 -14.12
CA ASN A 194 -3.95 0.42 -13.08
C ASN A 194 -3.11 -0.75 -13.58
N ALA A 195 -3.76 -1.69 -14.27
CA ALA A 195 -3.12 -2.87 -14.84
C ALA A 195 -1.89 -2.53 -15.68
N PHE A 196 -1.76 -1.34 -16.24
CA PHE A 196 -0.58 -1.07 -17.04
C PHE A 196 0.66 -0.92 -16.17
N GLY A 197 0.47 -0.61 -14.88
CA GLY A 197 1.59 -0.29 -14.02
C GLY A 197 1.99 -1.53 -13.23
N PRO A 198 2.82 -1.39 -12.18
CA PRO A 198 3.29 -2.53 -11.43
C PRO A 198 2.22 -2.96 -10.44
N ALA A 199 2.39 -4.17 -9.89
CA ALA A 199 1.49 -4.71 -8.88
C ALA A 199 1.59 -3.90 -7.59
N ASN A 200 0.46 -3.30 -7.17
CA ASN A 200 0.32 -2.64 -5.88
C ASN A 200 -1.16 -2.41 -5.55
N GLY A 201 -1.45 -2.08 -4.29
CA GLY A 201 -2.79 -2.02 -3.72
C GLY A 201 -3.73 -1.09 -4.49
N LEU A 202 -3.17 -0.35 -5.47
CA LEU A 202 -3.92 0.25 -6.57
C LEU A 202 -4.41 -0.87 -7.48
N VAL A 203 -3.46 -1.58 -8.12
CA VAL A 203 -3.75 -2.59 -9.14
C VAL A 203 -4.48 -3.78 -8.51
N GLU A 204 -3.95 -4.27 -7.37
CA GLU A 204 -4.62 -5.26 -6.54
C GLU A 204 -5.85 -4.62 -5.89
N LYS A 205 -6.86 -4.38 -6.72
CA LYS A 205 -8.06 -3.64 -6.34
C LYS A 205 -9.21 -4.62 -6.10
N GLY A 206 -9.25 -5.70 -6.88
CA GLY A 206 -10.30 -6.70 -6.73
C GLY A 206 -9.75 -8.13 -6.81
N ALA A 207 -10.14 -8.80 -7.90
CA ALA A 207 -10.26 -10.23 -8.01
C ALA A 207 -11.70 -10.63 -7.62
N PRO A 208 -12.18 -10.43 -6.37
CA PRO A 208 -13.57 -10.75 -6.05
C PRO A 208 -14.62 -10.09 -6.95
N ARG A 209 -14.29 -8.92 -7.51
CA ARG A 209 -15.23 -8.13 -8.29
C ARG A 209 -14.77 -7.94 -9.74
N VAL A 210 -13.48 -8.18 -10.03
CA VAL A 210 -12.90 -7.95 -11.35
C VAL A 210 -13.61 -8.83 -12.38
N ALA A 211 -13.91 -10.07 -11.99
CA ALA A 211 -14.52 -11.04 -12.88
C ALA A 211 -15.98 -10.66 -13.09
N GLU A 212 -16.61 -10.13 -12.04
CA GLU A 212 -17.94 -9.57 -12.13
C GLU A 212 -17.96 -8.44 -13.16
N LEU A 213 -16.94 -7.56 -13.12
CA LEU A 213 -16.87 -6.44 -14.04
C LEU A 213 -16.65 -6.93 -15.48
N SER A 214 -15.73 -7.90 -15.66
CA SER A 214 -15.39 -8.41 -16.98
C SER A 214 -16.57 -9.17 -17.58
N GLY A 215 -17.27 -9.93 -16.75
CA GLY A 215 -18.46 -10.64 -17.19
C GLY A 215 -19.52 -9.70 -17.74
N TRP A 216 -19.73 -8.57 -17.02
CA TRP A 216 -20.72 -7.59 -17.41
C TRP A 216 -20.29 -6.81 -18.67
N VAL A 217 -19.04 -6.30 -18.77
CA VAL A 217 -18.62 -5.56 -19.97
C VAL A 217 -18.75 -6.39 -21.26
N ASN A 218 -18.26 -7.63 -21.22
CA ASN A 218 -18.28 -8.54 -22.36
C ASN A 218 -19.71 -8.81 -22.82
N ALA A 219 -20.60 -9.04 -21.85
CA ALA A 219 -22.02 -9.22 -22.14
C ALA A 219 -22.55 -8.03 -22.93
N GLN A 220 -22.03 -6.83 -22.67
CA GLN A 220 -22.63 -5.68 -23.28
C GLN A 220 -22.20 -5.57 -24.74
N CYS A 221 -21.14 -6.30 -25.13
CA CYS A 221 -20.50 -6.21 -26.43
C CYS A 221 -21.21 -7.04 -27.50
N ALA A 222 -22.10 -7.94 -27.05
CA ALA A 222 -22.82 -8.85 -27.92
C ALA A 222 -23.76 -8.05 -28.79
N ARG A 223 -23.93 -8.48 -30.04
CA ARG A 223 -24.79 -7.78 -30.97
C ARG A 223 -26.21 -7.63 -30.37
N ASP A 224 -26.70 -8.68 -29.72
CA ASP A 224 -28.06 -8.68 -29.20
C ASP A 224 -28.15 -7.88 -27.89
N ALA A 225 -27.02 -7.44 -27.31
CA ALA A 225 -27.10 -6.57 -26.13
C ALA A 225 -27.27 -5.09 -26.50
N LEU A 226 -27.04 -4.74 -27.76
CA LEU A 226 -26.85 -3.34 -28.13
C LEU A 226 -28.13 -2.83 -28.79
N THR A 227 -28.35 -1.51 -28.74
CA THR A 227 -29.57 -0.88 -29.24
C THR A 227 -29.29 0.38 -30.06
N GLY A 228 -30.34 0.78 -30.77
CA GLY A 228 -30.31 1.92 -31.67
C GLY A 228 -29.46 1.58 -32.89
N ASP A 229 -29.12 2.63 -33.63
CA ASP A 229 -28.02 2.52 -34.54
C ASP A 229 -26.86 3.28 -33.89
N GLY A 230 -26.66 3.02 -32.59
CA GLY A 230 -25.49 3.51 -31.87
C GLY A 230 -24.16 2.89 -32.35
N PHE A 231 -23.09 3.24 -31.63
CA PHE A 231 -21.75 2.95 -32.08
C PHE A 231 -21.55 1.43 -32.11
N GLY A 232 -22.12 0.71 -31.14
CA GLY A 232 -22.00 -0.74 -31.12
C GLY A 232 -22.58 -1.36 -32.39
N ALA A 233 -23.82 -0.97 -32.74
CA ALA A 233 -24.50 -1.49 -33.92
C ALA A 233 -23.72 -1.15 -35.20
N GLN A 234 -23.10 0.02 -35.24
CA GLN A 234 -22.26 0.43 -36.38
C GLN A 234 -21.00 -0.43 -36.50
N ILE A 235 -20.42 -0.87 -35.38
CA ILE A 235 -19.31 -1.82 -35.41
C ILE A 235 -19.75 -3.14 -36.03
N TRP A 236 -20.94 -3.62 -35.63
CA TRP A 236 -21.43 -4.90 -36.14
C TRP A 236 -21.79 -4.83 -37.63
N ALA A 237 -22.29 -3.67 -38.07
CA ALA A 237 -22.61 -3.40 -39.47
C ALA A 237 -21.35 -3.41 -40.33
N ALA A 238 -20.30 -2.73 -39.87
CA ALA A 238 -18.98 -2.83 -40.47
C ALA A 238 -18.55 -4.30 -40.59
N ALA A 239 -18.85 -5.09 -39.55
CA ALA A 239 -18.49 -6.51 -39.62
C ALA A 239 -19.28 -7.17 -40.76
N ASP A 240 -20.61 -6.96 -40.84
CA ASP A 240 -21.41 -7.49 -41.94
C ASP A 240 -20.79 -7.16 -43.30
N ARG A 241 -20.27 -5.94 -43.46
CA ARG A 241 -19.68 -5.53 -44.73
C ARG A 241 -18.30 -6.16 -44.93
N GLY A 242 -17.78 -6.86 -43.92
CA GLY A 242 -16.51 -7.56 -44.03
C GLY A 242 -15.33 -6.66 -43.68
N ASP A 243 -15.58 -5.55 -42.96
CA ASP A 243 -14.48 -4.65 -42.61
C ASP A 243 -13.70 -5.19 -41.43
N ILE A 244 -14.40 -5.92 -40.54
CA ILE A 244 -13.84 -6.69 -39.44
C ILE A 244 -14.61 -8.00 -39.39
N THR A 245 -14.17 -8.98 -38.60
CA THR A 245 -14.95 -10.21 -38.50
C THR A 245 -15.99 -10.07 -37.38
N TYR A 246 -16.92 -11.03 -37.36
CA TYR A 246 -17.86 -11.11 -36.25
C TYR A 246 -17.18 -11.48 -34.93
N GLU A 247 -15.97 -12.03 -34.98
CA GLU A 247 -15.28 -12.30 -33.73
C GLU A 247 -14.49 -11.06 -33.26
N GLN A 248 -14.13 -10.17 -34.19
CA GLN A 248 -13.56 -8.85 -33.84
C GLN A 248 -14.62 -7.91 -33.27
N ALA A 249 -15.85 -7.96 -33.79
CA ALA A 249 -16.86 -6.98 -33.44
C ALA A 249 -16.96 -6.73 -31.92
N PRO A 250 -17.27 -7.72 -31.05
CA PRO A 250 -17.46 -7.48 -29.64
C PRO A 250 -16.24 -6.87 -28.98
N LEU A 251 -15.05 -7.19 -29.49
CA LEU A 251 -13.81 -6.74 -28.89
C LEU A 251 -13.56 -5.28 -29.28
N VAL A 252 -14.07 -4.86 -30.45
CA VAL A 252 -14.04 -3.46 -30.87
C VAL A 252 -14.97 -2.66 -29.97
N VAL A 253 -16.19 -3.19 -29.76
CA VAL A 253 -17.10 -2.62 -28.79
C VAL A 253 -16.42 -2.50 -27.42
N ARG A 254 -15.74 -3.56 -27.01
CA ARG A 254 -15.10 -3.58 -25.72
C ARG A 254 -14.11 -2.42 -25.57
N SER A 255 -13.35 -2.10 -26.62
CA SER A 255 -12.42 -0.98 -26.58
C SER A 255 -13.19 0.25 -26.13
N LEU A 256 -14.41 0.41 -26.65
CA LEU A 256 -15.21 1.60 -26.39
C LEU A 256 -15.64 1.64 -24.94
N LEU A 257 -15.82 0.46 -24.33
CA LEU A 257 -16.33 0.37 -22.97
C LEU A 257 -15.21 0.39 -21.94
N THR A 258 -13.95 0.20 -22.39
CA THR A 258 -12.80 0.31 -21.51
C THR A 258 -12.18 1.72 -21.52
N ALA A 259 -12.07 2.32 -22.72
CA ALA A 259 -11.32 3.57 -22.88
C ALA A 259 -12.24 4.80 -22.87
N GLY A 260 -13.52 4.55 -23.12
CA GLY A 260 -14.47 5.61 -23.42
C GLY A 260 -14.86 6.47 -22.21
N VAL A 261 -14.92 5.89 -21.00
CA VAL A 261 -15.72 6.52 -19.96
C VAL A 261 -14.80 7.12 -18.91
N ASP A 262 -13.82 6.35 -18.48
CA ASP A 262 -12.90 6.74 -17.43
C ASP A 262 -11.97 7.86 -17.87
N THR A 263 -11.57 7.85 -19.14
CA THR A 263 -10.69 8.90 -19.66
C THR A 263 -11.46 10.21 -19.70
N THR A 264 -12.74 10.13 -20.11
CA THR A 264 -13.52 11.34 -20.32
C THR A 264 -13.91 11.93 -18.98
N VAL A 265 -14.32 11.10 -18.03
CA VAL A 265 -14.67 11.59 -16.71
C VAL A 265 -13.47 12.34 -16.12
N ASN A 266 -12.30 11.72 -16.15
CA ASN A 266 -11.10 12.27 -15.50
C ASN A 266 -10.56 13.47 -16.26
N GLY A 267 -10.58 13.44 -17.59
CA GLY A 267 -10.32 14.61 -18.40
C GLY A 267 -11.27 15.78 -18.10
N LEU A 268 -12.59 15.55 -18.09
CA LEU A 268 -13.53 16.58 -17.67
C LEU A 268 -13.31 17.04 -16.22
N ALA A 269 -13.02 16.13 -15.28
CA ALA A 269 -12.72 16.58 -13.92
C ALA A 269 -11.52 17.53 -13.92
N ALA A 270 -10.52 17.23 -14.75
CA ALA A 270 -9.30 18.01 -14.86
C ALA A 270 -9.54 19.41 -15.41
N VAL A 271 -10.33 19.54 -16.48
CA VAL A 271 -10.57 20.85 -17.07
C VAL A 271 -11.39 21.67 -16.07
N LEU A 272 -12.36 21.05 -15.39
CA LEU A 272 -13.13 21.72 -14.36
C LEU A 272 -12.24 22.13 -13.20
N TYR A 273 -11.29 21.28 -12.81
CA TYR A 273 -10.37 21.67 -11.75
C TYR A 273 -9.54 22.88 -12.21
N ALA A 274 -9.13 22.88 -13.49
CA ALA A 274 -8.22 23.90 -13.99
C ALA A 274 -8.92 25.26 -14.00
N PHE A 275 -10.16 25.29 -14.51
CA PHE A 275 -10.99 26.48 -14.45
C PHE A 275 -11.18 26.94 -13.00
N ALA A 276 -11.58 26.03 -12.11
CA ALA A 276 -11.84 26.39 -10.73
C ALA A 276 -10.60 27.02 -10.07
N THR A 277 -9.36 26.64 -10.46
CA THR A 277 -8.15 27.18 -9.85
C THR A 277 -7.47 28.20 -10.76
N HIS A 278 -8.03 28.47 -11.94
CA HIS A 278 -7.53 29.48 -12.86
C HIS A 278 -8.65 30.44 -13.25
N PRO A 279 -9.07 31.36 -12.34
CA PRO A 279 -10.18 32.26 -12.62
C PRO A 279 -9.91 33.16 -13.82
N ASP A 280 -8.63 33.25 -14.18
CA ASP A 280 -8.21 34.02 -15.33
C ASP A 280 -8.77 33.36 -16.58
N GLN A 281 -8.58 32.04 -16.66
CA GLN A 281 -8.96 31.29 -17.85
C GLN A 281 -10.46 31.07 -17.92
N TRP A 282 -11.15 31.04 -16.77
CA TRP A 282 -12.60 31.01 -16.79
C TRP A 282 -13.14 32.30 -17.41
N ALA A 283 -12.60 33.44 -16.96
CA ALA A 283 -13.04 34.75 -17.46
C ALA A 283 -12.82 34.81 -18.98
N ARG A 284 -11.72 34.23 -19.48
CA ARG A 284 -11.45 34.14 -20.89
C ARG A 284 -12.54 33.36 -21.64
N LEU A 285 -12.95 32.21 -21.12
CA LEU A 285 -13.97 31.40 -21.77
C LEU A 285 -15.29 32.18 -21.86
N ARG A 286 -15.66 32.84 -20.76
CA ARG A 286 -16.88 33.62 -20.70
C ARG A 286 -16.91 34.71 -21.77
N GLU A 287 -15.78 35.40 -21.93
CA GLU A 287 -15.63 36.50 -22.88
C GLU A 287 -15.82 36.00 -24.32
N ASN A 288 -15.17 34.87 -24.65
CA ASN A 288 -15.19 34.31 -25.99
C ASN A 288 -15.68 32.85 -25.97
N ARG A 289 -16.94 32.64 -26.36
CA ARG A 289 -17.58 31.34 -26.21
C ARG A 289 -16.83 30.28 -27.00
N THR A 290 -16.11 30.70 -28.07
CA THR A 290 -15.50 29.79 -29.02
C THR A 290 -14.35 28.97 -28.41
N LEU A 291 -13.65 29.52 -27.40
CA LEU A 291 -12.60 28.81 -26.66
C LEU A 291 -13.12 27.56 -25.93
N ALA A 292 -14.43 27.38 -25.83
CA ALA A 292 -15.05 26.17 -25.30
C ALA A 292 -14.72 24.93 -26.14
N ARG A 293 -14.49 25.14 -27.45
CA ARG A 293 -14.27 24.03 -28.36
C ARG A 293 -12.81 23.57 -28.30
N THR A 294 -11.92 24.33 -27.66
CA THR A 294 -10.50 24.01 -27.67
C THR A 294 -9.87 24.14 -26.29
N ALA A 295 -10.67 24.51 -25.29
CA ALA A 295 -10.17 24.54 -23.93
C ALA A 295 -9.76 23.12 -23.53
N PHE A 296 -10.51 22.13 -24.01
CA PHE A 296 -10.31 20.77 -23.56
C PHE A 296 -8.90 20.28 -23.89
N ASP A 297 -8.44 20.58 -25.10
CA ASP A 297 -7.14 20.11 -25.56
C ASP A 297 -6.01 20.77 -24.77
N GLU A 298 -6.14 22.03 -24.38
CA GLU A 298 -5.10 22.64 -23.53
C GLU A 298 -5.12 21.96 -22.15
N ALA A 299 -6.29 21.55 -21.67
CA ALA A 299 -6.40 20.86 -20.41
C ALA A 299 -5.78 19.45 -20.48
N VAL A 300 -5.97 18.75 -21.62
CA VAL A 300 -5.33 17.46 -21.86
C VAL A 300 -3.81 17.64 -21.89
N ARG A 301 -3.31 18.72 -22.51
CA ARG A 301 -1.86 18.95 -22.51
C ARG A 301 -1.40 19.21 -21.07
N TRP A 302 -1.98 20.26 -20.48
CA TRP A 302 -1.60 20.72 -19.15
C TRP A 302 -1.67 19.61 -18.09
N GLU A 303 -2.78 18.85 -18.06
CA GLU A 303 -3.00 17.80 -17.07
C GLU A 303 -2.44 16.46 -17.54
N SER A 304 -2.56 16.19 -18.85
CA SER A 304 -2.25 14.90 -19.45
C SER A 304 -2.86 13.77 -18.64
N PRO A 305 -4.21 13.61 -18.67
CA PRO A 305 -4.88 12.55 -17.92
C PRO A 305 -4.18 11.19 -18.03
N VAL A 306 -3.85 10.77 -19.26
CA VAL A 306 -3.07 9.57 -19.46
C VAL A 306 -1.58 9.91 -19.37
N GLN A 307 -0.88 9.46 -18.32
CA GLN A 307 0.46 9.97 -18.02
C GLN A 307 1.60 9.28 -18.77
N THR A 308 1.43 7.98 -19.02
CA THR A 308 2.48 7.05 -19.41
C THR A 308 1.87 5.95 -20.27
N PHE A 309 2.64 5.57 -21.31
CA PHE A 309 2.46 4.29 -21.97
C PHE A 309 3.84 3.71 -22.25
N PHE A 310 3.93 2.36 -22.29
CA PHE A 310 5.11 1.62 -22.67
C PHE A 310 5.01 1.19 -24.13
N ARG A 311 6.18 0.94 -24.76
CA ARG A 311 6.35 0.16 -25.98
C ARG A 311 7.43 -0.88 -25.73
N THR A 312 7.55 -1.90 -26.60
CA THR A 312 8.67 -2.85 -26.54
C THR A 312 9.54 -2.70 -27.79
N ALA A 313 10.87 -2.65 -27.61
CA ALA A 313 11.76 -2.48 -28.75
C ALA A 313 11.73 -3.76 -29.56
N THR A 314 11.58 -3.67 -30.89
CA THR A 314 11.58 -4.85 -31.75
C THR A 314 13.01 -5.18 -32.17
N ARG A 315 13.93 -4.26 -31.94
CA ARG A 315 15.32 -4.39 -32.33
C ARG A 315 16.10 -3.35 -31.53
N ASP A 316 17.43 -3.43 -31.52
CA ASP A 316 18.23 -2.36 -30.94
C ASP A 316 17.91 -1.05 -31.65
N THR A 317 17.47 -0.02 -30.88
CA THR A 317 17.08 1.24 -31.47
C THR A 317 17.90 2.33 -30.81
N GLU A 318 18.48 3.18 -31.66
CA GLU A 318 19.30 4.28 -31.20
C GLU A 318 18.41 5.52 -31.18
N ILE A 319 17.89 5.85 -29.99
CA ILE A 319 17.07 7.04 -29.77
C ILE A 319 17.68 7.83 -28.62
N GLY A 320 17.80 9.16 -28.83
CA GLY A 320 18.29 10.10 -27.82
C GLY A 320 19.70 9.79 -27.34
N GLY A 321 20.58 9.35 -28.25
CA GLY A 321 21.94 8.95 -27.89
C GLY A 321 22.00 7.57 -27.25
N ALA A 322 20.85 7.00 -26.87
CA ALA A 322 20.82 5.70 -26.21
C ALA A 322 20.38 4.63 -27.20
N THR A 323 20.91 3.41 -26.99
CA THR A 323 20.37 2.22 -27.63
C THR A 323 19.53 1.45 -26.61
N ILE A 324 18.24 1.35 -26.96
CA ILE A 324 17.30 0.49 -26.27
C ILE A 324 17.49 -0.91 -26.84
N PRO A 325 17.97 -1.91 -26.05
CA PRO A 325 18.17 -3.25 -26.56
C PRO A 325 16.87 -3.86 -27.03
N ASP A 326 16.91 -4.55 -28.18
CA ASP A 326 15.82 -5.38 -28.64
C ASP A 326 15.19 -6.09 -27.45
N GLY A 327 13.87 -6.02 -27.36
CA GLY A 327 13.12 -6.78 -26.39
C GLY A 327 12.88 -6.02 -25.08
N LYS A 328 13.54 -4.87 -24.92
CA LYS A 328 13.40 -4.05 -23.72
C LYS A 328 12.33 -2.98 -23.93
N LYS A 329 11.77 -2.50 -22.80
CA LYS A 329 10.64 -1.59 -22.83
C LYS A 329 11.06 -0.13 -22.63
N ILE A 330 10.42 0.75 -23.42
CA ILE A 330 10.44 2.18 -23.19
C ILE A 330 9.20 2.59 -22.41
N LEU A 331 9.38 3.53 -21.49
CA LEU A 331 8.25 4.14 -20.83
C LEU A 331 8.16 5.60 -21.29
N MET A 332 7.00 5.99 -21.86
CA MET A 332 6.86 7.32 -22.45
C MET A 332 6.05 8.18 -21.50
N PHE A 333 6.58 9.39 -21.16
CA PHE A 333 5.97 10.27 -20.17
C PHE A 333 5.25 11.39 -20.91
N LEU A 334 3.98 11.14 -21.24
CA LEU A 334 3.19 12.06 -22.05
C LEU A 334 3.06 13.41 -21.33
N GLY A 335 2.77 13.35 -20.04
CA GLY A 335 2.72 14.54 -19.21
C GLY A 335 4.00 15.37 -19.32
N ALA A 336 5.13 14.70 -19.12
CA ALA A 336 6.43 15.36 -19.10
C ALA A 336 6.67 16.03 -20.44
N ALA A 337 6.29 15.35 -21.54
CA ALA A 337 6.49 15.87 -22.90
C ALA A 337 5.61 17.09 -23.15
N ASN A 338 4.35 16.97 -22.70
CA ASN A 338 3.38 18.05 -22.79
C ASN A 338 3.77 19.27 -21.93
N ARG A 339 4.76 19.16 -21.04
CA ARG A 339 5.26 20.28 -20.25
C ARG A 339 6.74 20.57 -20.51
N ASP A 340 7.27 20.03 -21.62
CA ASP A 340 8.65 20.25 -22.04
C ASP A 340 8.86 21.66 -22.57
N PRO A 341 9.66 22.51 -21.88
CA PRO A 341 9.92 23.85 -22.37
C PRO A 341 10.66 23.92 -23.70
N ARG A 342 11.20 22.79 -24.16
CA ARG A 342 11.81 22.68 -25.47
C ARG A 342 10.75 22.84 -26.55
N ARG A 343 9.49 22.55 -26.21
CA ARG A 343 8.43 22.57 -27.20
C ARG A 343 7.41 23.68 -26.90
N TRP A 344 7.22 24.01 -25.62
CA TRP A 344 6.11 24.80 -25.17
C TRP A 344 6.64 25.99 -24.41
N GLU A 345 6.06 27.16 -24.71
CA GLU A 345 6.37 28.39 -24.00
C GLU A 345 5.60 28.34 -22.69
N ASN A 346 6.28 28.56 -21.58
CA ASN A 346 5.69 28.57 -20.24
C ASN A 346 4.70 27.43 -20.09
N PRO A 347 5.20 26.17 -20.13
CA PRO A 347 4.36 24.99 -20.23
C PRO A 347 3.54 24.70 -18.99
N GLU A 348 3.92 25.28 -17.85
CA GLU A 348 3.21 25.08 -16.61
C GLU A 348 1.90 25.86 -16.59
N VAL A 349 1.72 26.76 -17.57
CA VAL A 349 0.59 27.68 -17.60
C VAL A 349 -0.57 27.00 -18.33
N PHE A 350 -1.75 27.03 -17.69
CA PHE A 350 -2.99 26.68 -18.34
C PHE A 350 -3.48 27.91 -19.09
N ASP A 351 -3.44 27.86 -20.43
CA ASP A 351 -3.57 29.04 -21.27
C ASP A 351 -4.45 28.78 -22.50
N LEU A 352 -5.70 29.33 -22.48
CA LEU A 352 -6.67 29.16 -23.55
C LEU A 352 -6.19 29.80 -24.84
N GLY A 353 -5.22 30.71 -24.73
CA GLY A 353 -4.61 31.37 -25.89
C GLY A 353 -3.50 30.55 -26.55
N ARG A 354 -3.06 29.46 -25.90
CA ARG A 354 -2.10 28.55 -26.51
C ARG A 354 -2.75 27.87 -27.72
N ASN A 355 -1.95 27.66 -28.77
CA ASN A 355 -2.25 26.62 -29.73
C ASN A 355 -1.63 25.33 -29.16
N PRO A 356 -2.43 24.36 -28.65
CA PRO A 356 -1.87 23.13 -28.11
C PRO A 356 -1.70 22.01 -29.12
N SER A 357 -1.93 22.30 -30.40
CA SER A 357 -1.83 21.29 -31.43
C SER A 357 -0.44 20.66 -31.44
N GLY A 358 -0.38 19.34 -31.63
CA GLY A 358 0.89 18.64 -31.50
C GLY A 358 1.16 18.13 -30.07
N HIS A 359 0.28 18.44 -29.10
CA HIS A 359 0.41 17.78 -27.80
C HIS A 359 0.30 16.26 -27.98
N VAL A 360 0.86 15.53 -27.01
CA VAL A 360 0.93 14.07 -27.04
C VAL A 360 -0.02 13.42 -26.02
N GLY A 361 -1.00 14.18 -25.52
CA GLY A 361 -1.95 13.69 -24.49
C GLY A 361 -2.86 12.56 -24.98
N TYR A 362 -3.09 12.51 -26.30
CA TYR A 362 -3.83 11.46 -26.98
C TYR A 362 -2.89 10.50 -27.68
N GLY A 363 -1.58 10.66 -27.41
CA GLY A 363 -0.58 9.93 -28.15
C GLY A 363 -0.33 10.58 -29.50
N MET A 364 0.19 9.77 -30.42
CA MET A 364 0.63 10.26 -31.71
C MET A 364 0.93 9.08 -32.66
N GLY A 365 0.56 9.27 -33.94
CA GLY A 365 0.77 8.26 -34.96
C GLY A 365 -0.42 7.32 -35.01
N ILE A 366 -0.16 6.06 -35.41
CA ILE A 366 -1.23 5.16 -35.80
C ILE A 366 -2.16 4.78 -34.62
N HIS A 367 -1.67 4.87 -33.37
CA HIS A 367 -2.50 4.55 -32.21
C HIS A 367 -3.08 5.79 -31.51
N GLN A 368 -2.93 6.98 -32.13
CA GLN A 368 -3.43 8.21 -31.54
C GLN A 368 -4.93 8.10 -31.30
N CYS A 369 -5.33 8.57 -30.11
CA CYS A 369 -6.64 8.33 -29.58
C CYS A 369 -7.71 8.39 -30.67
N VAL A 370 -8.37 7.26 -30.93
CA VAL A 370 -9.42 7.27 -31.93
C VAL A 370 -10.69 7.87 -31.32
N GLY A 371 -10.65 8.15 -30.02
CA GLY A 371 -11.84 8.64 -29.33
C GLY A 371 -11.79 10.15 -29.11
N GLN A 372 -10.83 10.83 -29.74
CA GLN A 372 -10.53 12.20 -29.34
C GLN A 372 -11.67 13.14 -29.70
N HIS A 373 -12.36 12.84 -30.81
CA HIS A 373 -13.43 13.71 -31.28
C HIS A 373 -14.60 13.64 -30.31
N VAL A 374 -14.82 12.46 -29.73
CA VAL A 374 -15.92 12.24 -28.82
C VAL A 374 -15.69 13.04 -27.53
N ALA A 375 -14.46 12.89 -27.02
CA ALA A 375 -14.05 13.57 -25.79
C ALA A 375 -14.17 15.08 -25.96
N ARG A 376 -13.78 15.58 -27.14
CA ARG A 376 -13.81 17.01 -27.44
C ARG A 376 -15.24 17.51 -27.45
N LEU A 377 -16.12 16.76 -28.08
CA LEU A 377 -17.51 17.14 -28.15
C LEU A 377 -18.12 17.14 -26.74
N GLU A 378 -17.78 16.16 -25.93
CA GLU A 378 -18.30 16.09 -24.58
C GLU A 378 -17.88 17.33 -23.81
N SER A 379 -16.60 17.68 -23.91
CA SER A 379 -16.05 18.82 -23.21
C SER A 379 -16.76 20.09 -23.69
N GLU A 380 -16.79 20.29 -25.01
CA GLU A 380 -17.46 21.42 -25.65
C GLU A 380 -18.90 21.58 -25.14
N ALA A 381 -19.67 20.49 -25.13
CA ALA A 381 -21.05 20.58 -24.69
C ALA A 381 -21.10 21.06 -23.24
N LEU A 382 -20.29 20.48 -22.38
CA LEU A 382 -20.34 20.78 -20.95
C LEU A 382 -19.83 22.20 -20.67
N LEU A 383 -18.75 22.63 -21.35
CA LEU A 383 -18.21 23.98 -21.16
C LEU A 383 -19.12 25.05 -21.74
N THR A 384 -19.72 24.74 -22.90
CA THR A 384 -20.73 25.58 -23.51
C THR A 384 -21.80 25.90 -22.48
N ALA A 385 -22.38 24.86 -21.88
CA ALA A 385 -23.52 25.02 -20.99
C ALA A 385 -23.11 25.71 -19.69
N LEU A 386 -21.90 25.43 -19.19
CA LEU A 386 -21.47 26.02 -17.94
C LEU A 386 -21.11 27.50 -18.08
N ALA A 387 -20.45 27.88 -19.18
CA ALA A 387 -19.99 29.25 -19.40
C ALA A 387 -21.17 30.20 -19.58
N SER A 388 -22.25 29.70 -20.19
CA SER A 388 -23.54 30.38 -20.26
C SER A 388 -24.08 30.78 -18.90
N ARG A 389 -23.93 29.92 -17.90
CA ARG A 389 -24.76 30.04 -16.71
C ARG A 389 -23.95 30.50 -15.52
N VAL A 390 -22.61 30.50 -15.64
CA VAL A 390 -21.74 30.60 -14.47
C VAL A 390 -20.79 31.77 -14.64
N HIS A 391 -20.90 32.73 -13.73
CA HIS A 391 -20.03 33.89 -13.73
C HIS A 391 -18.66 33.49 -13.17
N SER A 392 -18.67 32.93 -11.95
CA SER A 392 -17.48 32.73 -11.14
C SER A 392 -17.49 31.30 -10.66
N LEU A 393 -16.32 30.71 -10.47
CA LEU A 393 -16.17 29.32 -10.04
C LEU A 393 -14.96 29.25 -9.11
N GLU A 394 -15.08 28.69 -7.89
CA GLU A 394 -13.94 28.53 -6.99
C GLU A 394 -13.93 27.13 -6.34
N ILE A 395 -12.73 26.64 -5.98
CA ILE A 395 -12.63 25.50 -5.06
C ILE A 395 -13.28 25.85 -3.72
N ALA A 396 -14.15 24.99 -3.19
CA ALA A 396 -14.82 25.30 -1.92
C ALA A 396 -14.43 24.33 -0.81
N GLY A 397 -13.53 23.39 -1.11
CA GLY A 397 -13.21 22.29 -0.20
C GLY A 397 -11.96 21.54 -0.63
N PRO A 398 -11.43 20.63 0.22
CA PRO A 398 -10.31 19.79 -0.18
C PRO A 398 -10.65 18.97 -1.41
N VAL A 399 -9.72 18.95 -2.35
CA VAL A 399 -9.83 18.07 -3.51
C VAL A 399 -9.14 16.76 -3.13
N HIS A 400 -9.69 15.65 -3.62
CA HIS A 400 -9.12 14.32 -3.47
C HIS A 400 -8.88 13.76 -4.87
N ARG A 401 -7.60 13.50 -5.16
CA ARG A 401 -7.24 12.68 -6.30
C ARG A 401 -7.47 11.19 -5.97
N HIS A 402 -7.87 10.41 -6.98
CA HIS A 402 -7.85 8.95 -6.90
C HIS A 402 -6.55 8.49 -7.54
N LEU A 403 -5.67 7.86 -6.75
CA LEU A 403 -4.38 7.36 -7.24
C LEU A 403 -4.63 6.21 -8.21
N ASN A 404 -3.90 6.24 -9.34
CA ASN A 404 -3.93 5.26 -10.41
C ASN A 404 -2.55 5.26 -11.07
N ASN A 405 -2.03 4.08 -11.42
CA ASN A 405 -0.71 3.97 -12.04
C ASN A 405 -0.57 4.81 -13.33
N THR A 406 -1.63 4.96 -14.12
CA THR A 406 -1.52 5.48 -15.48
C THR A 406 -2.38 6.73 -15.66
N LEU A 407 -3.59 6.72 -15.08
CA LEU A 407 -4.60 7.72 -15.37
C LEU A 407 -4.75 8.66 -14.17
N ARG A 408 -4.39 9.94 -14.35
CA ARG A 408 -4.64 10.92 -13.32
C ARG A 408 -6.15 11.04 -13.15
N SER A 409 -6.63 10.60 -11.98
CA SER A 409 -8.06 10.45 -11.75
C SER A 409 -8.48 11.17 -10.46
N TRP A 410 -9.81 11.28 -10.28
CA TRP A 410 -10.37 12.28 -9.38
C TRP A 410 -11.50 11.65 -8.57
N GLU A 411 -11.47 11.85 -7.24
CA GLU A 411 -12.55 11.45 -6.37
C GLU A 411 -13.49 12.64 -6.14
N SER A 412 -12.93 13.83 -5.89
CA SER A 412 -13.75 14.96 -5.45
C SER A 412 -13.12 16.31 -5.80
N VAL A 413 -13.94 17.22 -6.33
CA VAL A 413 -13.50 18.57 -6.60
C VAL A 413 -14.64 19.48 -6.14
N PRO A 414 -14.72 19.83 -4.83
CA PRO A 414 -15.82 20.64 -4.36
C PRO A 414 -15.69 22.07 -4.88
N VAL A 415 -16.79 22.62 -5.40
CA VAL A 415 -16.74 23.95 -5.98
C VAL A 415 -17.96 24.72 -5.50
N LYS A 416 -17.83 26.05 -5.57
CA LYS A 416 -18.89 27.02 -5.36
C LYS A 416 -18.90 27.95 -6.57
N VAL A 417 -20.10 28.17 -7.12
CA VAL A 417 -20.28 29.02 -8.28
C VAL A 417 -21.08 30.25 -7.90
N ARG A 418 -20.85 31.36 -8.63
CA ARG A 418 -21.69 32.55 -8.61
C ARG A 418 -22.33 32.68 -9.98
N LEU A 419 -23.67 32.78 -9.99
CA LEU A 419 -24.47 33.02 -11.18
C LEU A 419 -24.49 34.51 -11.53
N PRO A 420 -24.61 34.90 -12.82
CA PRO A 420 -24.65 36.31 -13.21
C PRO A 420 -25.86 37.06 -12.67
N LEU B 28 -16.55 -1.66 1.63
CA LEU B 28 -15.62 -2.59 2.33
C LEU B 28 -16.46 -3.52 3.19
N PRO B 29 -15.95 -4.72 3.51
CA PRO B 29 -16.50 -5.50 4.60
C PRO B 29 -16.42 -4.75 5.94
N VAL B 30 -17.50 -4.82 6.72
CA VAL B 30 -17.56 -4.16 8.01
C VAL B 30 -17.78 -5.24 9.06
N SER B 31 -17.23 -5.04 10.26
CA SER B 31 -17.43 -5.98 11.36
C SER B 31 -17.51 -5.25 12.69
N ASP B 32 -18.41 -5.72 13.56
CA ASP B 32 -18.55 -5.22 14.91
C ASP B 32 -17.75 -6.07 15.91
N ALA B 33 -17.08 -7.11 15.43
CA ALA B 33 -16.20 -7.96 16.25
C ALA B 33 -15.18 -7.12 17.01
N ASP B 34 -14.95 -7.48 18.28
CA ASP B 34 -14.03 -6.77 19.16
C ASP B 34 -12.74 -7.60 19.25
N PRO B 35 -11.66 -7.21 18.55
CA PRO B 35 -10.41 -7.94 18.68
C PRO B 35 -9.88 -8.04 20.10
N PHE B 36 -10.39 -7.19 21.01
CA PHE B 36 -9.90 -7.12 22.38
C PHE B 36 -10.90 -7.64 23.42
N ALA B 37 -11.98 -8.29 22.95
CA ALA B 37 -12.80 -9.10 23.85
C ALA B 37 -11.96 -10.22 24.48
N LEU B 38 -12.09 -10.41 25.81
CA LEU B 38 -11.44 -11.48 26.55
C LEU B 38 -11.58 -12.84 25.85
N ASP B 39 -12.72 -13.10 25.20
CA ASP B 39 -12.93 -14.41 24.60
C ASP B 39 -12.10 -14.52 23.32
N VAL B 40 -11.91 -13.41 22.62
CA VAL B 40 -11.07 -13.41 21.42
C VAL B 40 -9.62 -13.52 21.85
N LEU B 41 -9.22 -12.76 22.88
CA LEU B 41 -7.85 -12.82 23.37
C LEU B 41 -7.53 -14.23 23.87
N GLN B 42 -8.52 -14.87 24.50
CA GLN B 42 -8.30 -16.19 25.03
C GLN B 42 -7.92 -17.14 23.88
N ASP B 43 -8.71 -17.07 22.81
CA ASP B 43 -8.47 -17.89 21.65
C ASP B 43 -8.79 -17.07 20.40
N PRO B 44 -7.78 -16.41 19.82
CA PRO B 44 -8.01 -15.50 18.71
C PRO B 44 -8.03 -16.17 17.34
N LEU B 45 -7.84 -17.48 17.29
CA LEU B 45 -7.58 -18.14 16.02
C LEU B 45 -8.83 -18.07 15.13
N PRO B 46 -10.05 -18.35 15.65
CA PRO B 46 -11.25 -18.19 14.82
C PRO B 46 -11.42 -16.76 14.30
N PHE B 47 -11.11 -15.77 15.14
CA PHE B 47 -11.15 -14.36 14.73
C PHE B 47 -10.23 -14.13 13.50
N GLN B 48 -9.02 -14.71 13.56
CA GLN B 48 -8.03 -14.49 12.52
C GLN B 48 -8.50 -15.10 11.20
N ALA B 49 -9.05 -16.34 11.24
CA ALA B 49 -9.50 -17.00 10.03
C ALA B 49 -10.70 -16.25 9.46
N ASN B 50 -11.57 -15.70 10.31
CA ASN B 50 -12.71 -14.93 9.80
C ASN B 50 -12.27 -13.61 9.16
N LEU B 51 -11.28 -12.95 9.79
CA LEU B 51 -10.72 -11.68 9.31
C LEU B 51 -10.04 -11.85 7.95
N ARG B 52 -9.10 -12.78 7.86
CA ARG B 52 -8.39 -13.06 6.63
C ARG B 52 -9.38 -13.38 5.49
N ASP B 53 -10.45 -14.12 5.80
CA ASP B 53 -11.33 -14.61 4.74
C ASP B 53 -12.24 -13.48 4.23
N ALA B 54 -12.72 -12.62 5.15
CA ALA B 54 -13.68 -11.57 4.85
C ALA B 54 -13.16 -10.69 3.72
N GLY B 55 -11.88 -10.29 3.84
CA GLY B 55 -11.25 -9.47 2.83
C GLY B 55 -9.85 -9.02 3.25
N PRO B 56 -9.16 -8.29 2.35
CA PRO B 56 -7.88 -7.72 2.68
C PRO B 56 -7.96 -6.60 3.70
N VAL B 57 -9.01 -5.77 3.57
CA VAL B 57 -9.34 -4.69 4.51
C VAL B 57 -10.74 -4.95 5.08
N VAL B 58 -10.86 -4.83 6.41
CA VAL B 58 -12.13 -4.98 7.12
C VAL B 58 -12.28 -3.80 8.08
N TYR B 59 -13.41 -3.11 7.96
CA TYR B 59 -13.67 -1.96 8.79
C TYR B 59 -14.26 -2.40 10.12
N LEU B 60 -13.50 -2.15 11.20
CA LEU B 60 -13.90 -2.47 12.55
C LEU B 60 -14.71 -1.29 13.07
N ARG B 61 -16.02 -1.37 12.90
CA ARG B 61 -16.96 -0.30 13.13
C ARG B 61 -16.93 0.13 14.60
N ARG B 62 -16.52 -0.78 15.49
CA ARG B 62 -16.43 -0.48 16.92
C ARG B 62 -15.29 0.50 17.23
N TYR B 63 -14.20 0.44 16.45
CA TYR B 63 -13.02 1.24 16.77
C TYR B 63 -12.73 2.26 15.67
N ASP B 64 -13.55 2.23 14.58
CA ASP B 64 -13.33 3.00 13.38
C ASP B 64 -11.87 2.90 12.92
N VAL B 65 -11.35 1.68 12.88
CA VAL B 65 -10.08 1.43 12.23
C VAL B 65 -10.27 0.38 11.14
N PHE B 66 -9.23 0.25 10.30
CA PHE B 66 -9.23 -0.65 9.17
C PHE B 66 -8.30 -1.82 9.52
N ALA B 67 -8.88 -3.02 9.62
CA ALA B 67 -8.14 -4.21 10.03
C ALA B 67 -7.49 -4.87 8.81
N LEU B 68 -6.19 -5.22 8.98
CA LEU B 68 -5.43 -6.00 8.02
C LEU B 68 -5.01 -7.36 8.64
N GLY B 69 -5.51 -8.46 8.08
CA GLY B 69 -5.19 -9.76 8.63
C GLY B 69 -4.36 -10.62 7.70
N ARG B 70 -4.25 -10.23 6.43
CA ARG B 70 -3.57 -11.05 5.45
C ARG B 70 -2.09 -10.66 5.37
N TYR B 71 -1.22 -11.67 5.19
CA TYR B 71 0.22 -11.43 5.11
C TYR B 71 0.56 -10.30 4.14
N GLU B 72 -0.02 -10.27 2.95
CA GLU B 72 0.39 -9.36 1.89
C GLU B 72 0.23 -7.90 2.31
N GLN B 73 -0.94 -7.57 2.86
CA GLN B 73 -1.24 -6.19 3.21
C GLN B 73 -0.56 -5.80 4.52
N VAL B 74 -0.44 -6.75 5.45
CA VAL B 74 0.29 -6.49 6.70
C VAL B 74 1.73 -6.16 6.31
N HIS B 75 2.24 -6.87 5.29
CA HIS B 75 3.63 -6.70 4.91
C HIS B 75 3.88 -5.30 4.34
N ALA B 76 2.96 -4.87 3.48
CA ALA B 76 3.03 -3.60 2.77
C ALA B 76 2.82 -2.43 3.73
N ALA B 77 1.95 -2.65 4.74
CA ALA B 77 1.62 -1.59 5.66
C ALA B 77 2.81 -1.32 6.56
N LEU B 78 3.43 -2.41 7.01
CA LEU B 78 4.59 -2.35 7.88
C LEU B 78 5.76 -1.64 7.21
N THR B 79 6.02 -1.91 5.93
CA THR B 79 7.20 -1.36 5.28
C THR B 79 6.93 0.07 4.78
N ASP B 80 5.66 0.42 4.53
CA ASP B 80 5.30 1.76 4.05
C ASP B 80 5.10 2.74 5.21
N TRP B 81 6.22 3.24 5.78
CA TRP B 81 6.19 4.14 6.92
C TRP B 81 5.76 5.53 6.50
N GLN B 82 5.93 5.83 5.20
CA GLN B 82 5.59 7.14 4.69
C GLN B 82 4.07 7.31 4.72
N SER B 83 3.36 6.26 4.31
CA SER B 83 1.90 6.27 4.29
C SER B 83 1.33 6.03 5.68
N PHE B 84 2.01 5.22 6.50
CA PHE B 84 1.50 4.66 7.74
C PHE B 84 2.52 4.92 8.86
N GLN B 85 2.32 6.05 9.53
CA GLN B 85 3.32 6.56 10.44
C GLN B 85 3.06 6.02 11.83
N SER B 86 4.05 6.21 12.70
CA SER B 86 4.03 5.62 14.03
C SER B 86 3.91 6.70 15.11
N ALA B 87 4.18 7.96 14.76
CA ALA B 87 4.37 9.03 15.76
C ALA B 87 3.05 9.52 16.36
N ALA B 88 1.92 9.21 15.71
CA ALA B 88 0.59 9.42 16.26
C ALA B 88 0.18 8.26 17.16
N GLY B 89 1.08 7.30 17.38
CA GLY B 89 0.81 6.18 18.27
C GLY B 89 0.56 4.88 17.50
N VAL B 90 1.08 3.77 18.04
CA VAL B 90 0.94 2.49 17.38
C VAL B 90 0.05 1.58 18.21
N GLY B 91 -0.68 2.16 19.16
CA GLY B 91 -1.83 1.49 19.75
C GLY B 91 -3.09 2.16 19.21
N LEU B 92 -4.22 1.90 19.83
CA LEU B 92 -5.48 2.44 19.37
C LEU B 92 -5.46 3.97 19.45
N SER B 93 -5.01 4.41 20.63
CA SER B 93 -5.01 5.82 21.00
C SER B 93 -4.21 6.62 19.99
N ASN B 94 -4.84 7.73 19.56
CA ASN B 94 -4.32 8.71 18.62
C ASN B 94 -3.76 9.90 19.40
N PHE B 95 -2.45 10.03 19.34
CA PHE B 95 -1.73 11.02 20.13
C PHE B 95 -2.03 12.42 19.62
N ARG B 96 -2.74 12.53 18.47
CA ARG B 96 -3.20 13.82 17.99
C ARG B 96 -4.15 14.49 19.00
N TYR B 97 -4.90 13.68 19.73
CA TYR B 97 -5.90 14.15 20.67
C TYR B 97 -5.65 13.60 22.07
N GLU B 98 -5.32 12.30 22.17
CA GLU B 98 -5.46 11.59 23.44
C GLU B 98 -4.15 11.63 24.21
N THR B 99 -4.22 11.69 25.54
CA THR B 99 -3.04 11.82 26.39
C THR B 99 -2.35 10.45 26.56
N PRO B 100 -1.03 10.30 26.27
CA PRO B 100 -0.36 9.01 26.49
C PRO B 100 -0.24 8.68 27.98
N TRP B 101 -0.21 7.39 28.32
CA TRP B 101 -0.03 7.01 29.69
C TRP B 101 1.41 7.34 30.12
N ARG B 102 2.33 7.44 29.15
CA ARG B 102 3.71 7.84 29.42
C ARG B 102 4.29 8.60 28.22
N PRO B 103 5.43 9.32 28.36
CA PRO B 103 6.11 9.84 27.18
C PRO B 103 6.29 8.75 26.14
N PRO B 104 5.76 8.85 24.91
CA PRO B 104 5.94 7.80 23.93
C PRO B 104 7.41 7.48 23.64
N SER B 105 7.62 6.22 23.30
CA SER B 105 8.92 5.74 22.91
C SER B 105 9.50 6.56 21.78
N ILE B 106 10.78 6.88 21.93
N ILE B 106 10.78 6.92 21.93
CA ILE B 106 11.58 7.60 20.96
CA ILE B 106 11.51 7.65 20.91
C ILE B 106 12.11 6.65 19.87
C ILE B 106 12.01 6.68 19.82
N LEU B 107 11.75 5.38 19.97
CA LEU B 107 11.96 4.44 18.87
C LEU B 107 10.60 4.12 18.25
N LEU B 108 9.75 3.46 19.03
CA LEU B 108 8.54 2.84 18.50
C LEU B 108 7.59 3.87 17.90
N GLU B 109 7.43 5.01 18.60
CA GLU B 109 6.48 6.03 18.20
C GLU B 109 7.18 7.29 17.69
N ALA B 110 8.20 7.06 16.87
CA ALA B 110 8.95 8.12 16.21
C ALA B 110 8.97 7.76 14.73
N ASP B 111 8.90 8.76 13.87
CA ASP B 111 9.05 8.54 12.45
C ASP B 111 10.37 9.15 12.05
N PRO B 112 10.91 8.81 10.85
CA PRO B 112 11.99 9.58 10.27
C PRO B 112 11.62 11.05 10.21
N PRO B 113 12.56 12.00 10.48
CA PRO B 113 13.96 11.68 10.73
C PRO B 113 14.26 11.46 12.21
N HIS B 114 13.26 11.66 13.07
CA HIS B 114 13.45 11.61 14.52
C HIS B 114 13.92 10.22 14.93
N HIS B 115 13.41 9.21 14.21
CA HIS B 115 13.70 7.80 14.50
C HIS B 115 15.15 7.45 14.22
N ASP B 116 15.80 8.13 13.26
CA ASP B 116 17.01 7.65 12.63
C ASP B 116 18.10 7.40 13.68
N ALA B 117 18.40 8.40 14.52
CA ALA B 117 19.57 8.34 15.39
C ALA B 117 19.40 7.28 16.48
N PRO B 118 18.33 7.29 17.32
CA PRO B 118 18.12 6.23 18.31
C PRO B 118 18.13 4.81 17.74
N ARG B 119 17.60 4.65 16.52
CA ARG B 119 17.61 3.35 15.84
C ARG B 119 19.03 2.90 15.53
N ALA B 120 19.82 3.78 14.91
CA ALA B 120 21.18 3.43 14.52
C ALA B 120 22.00 3.05 15.75
N VAL B 121 21.79 3.74 16.87
CA VAL B 121 22.57 3.43 18.06
C VAL B 121 22.30 1.98 18.50
N LEU B 122 21.02 1.62 18.61
CA LEU B 122 20.57 0.33 19.11
C LEU B 122 20.85 -0.74 18.09
N SER B 123 20.72 -0.40 16.81
CA SER B 123 21.00 -1.35 15.76
C SER B 123 22.44 -1.85 15.95
N LYS B 124 23.35 -0.95 16.32
CA LYS B 124 24.73 -1.33 16.45
C LYS B 124 24.96 -2.08 17.76
N ILE B 125 24.35 -1.59 18.85
CA ILE B 125 24.58 -2.17 20.17
C ILE B 125 24.04 -3.59 20.30
N LEU B 126 22.89 -3.84 19.67
CA LEU B 126 22.24 -5.15 19.79
C LEU B 126 22.41 -5.99 18.53
N GLY B 127 23.36 -5.62 17.65
CA GLY B 127 23.60 -6.34 16.41
C GLY B 127 24.33 -7.66 16.68
N PRO B 128 24.33 -8.61 15.71
CA PRO B 128 24.93 -9.92 15.94
C PRO B 128 26.39 -9.88 16.37
N ARG B 129 27.22 -9.06 15.71
CA ARG B 129 28.64 -8.98 16.03
C ARG B 129 28.83 -8.58 17.49
N ALA B 130 28.13 -7.54 17.91
CA ALA B 130 28.17 -7.04 19.27
C ALA B 130 27.77 -8.10 20.30
N LEU B 131 26.85 -9.03 19.97
CA LEU B 131 26.37 -10.02 20.93
C LEU B 131 27.28 -11.25 21.00
N GLN B 132 28.19 -11.42 20.03
CA GLN B 132 29.04 -12.59 19.98
C GLN B 132 29.67 -12.80 21.35
N LYS B 133 30.03 -11.69 22.02
CA LYS B 133 30.74 -11.73 23.28
C LYS B 133 29.85 -12.24 24.41
N LEU B 134 28.53 -12.14 24.25
CA LEU B 134 27.61 -12.53 25.31
C LEU B 134 27.25 -14.01 25.19
N ARG B 135 27.60 -14.62 24.05
CA ARG B 135 27.10 -15.92 23.65
C ARG B 135 27.36 -17.01 24.71
N ALA B 136 28.63 -17.23 25.02
CA ALA B 136 28.99 -18.32 25.91
C ALA B 136 28.51 -18.03 27.33
N ALA B 137 28.41 -16.75 27.72
CA ALA B 137 27.95 -16.48 29.07
C ALA B 137 26.49 -16.91 29.24
N TRP B 138 25.66 -16.60 28.25
CA TRP B 138 24.25 -16.88 28.35
C TRP B 138 24.00 -18.39 28.25
N ILE B 139 24.81 -19.06 27.42
CA ILE B 139 24.71 -20.51 27.27
C ILE B 139 25.00 -21.17 28.61
N GLN B 140 26.07 -20.73 29.26
CA GLN B 140 26.49 -21.29 30.54
C GLN B 140 25.43 -21.03 31.60
N ASP B 141 24.90 -19.80 31.65
CA ASP B 141 23.90 -19.45 32.66
C ASP B 141 22.59 -20.21 32.43
N ALA B 142 22.20 -20.42 31.16
CA ALA B 142 21.08 -21.30 30.84
C ALA B 142 21.36 -22.72 31.32
N GLU B 143 22.60 -23.18 31.17
CA GLU B 143 22.97 -24.54 31.58
C GLU B 143 22.95 -24.65 33.10
N ALA B 144 23.45 -23.64 33.81
CA ALA B 144 23.35 -23.62 35.25
C ALA B 144 21.89 -23.60 35.69
N LEU B 145 21.06 -22.76 35.04
CA LEU B 145 19.65 -22.66 35.38
C LEU B 145 19.01 -24.04 35.29
N VAL B 146 19.23 -24.76 34.19
CA VAL B 146 18.54 -26.01 33.92
C VAL B 146 19.08 -27.11 34.85
N ASP B 147 20.40 -27.16 35.03
CA ASP B 147 21.00 -28.21 35.85
C ASP B 147 20.44 -28.11 37.28
N GLN B 148 20.31 -26.87 37.82
CA GLN B 148 19.81 -26.67 39.17
C GLN B 148 18.34 -27.05 39.26
N LEU B 149 17.58 -26.70 38.24
CA LEU B 149 16.15 -26.98 38.25
C LEU B 149 15.98 -28.50 38.26
N LEU B 150 16.57 -29.14 37.24
CA LEU B 150 16.50 -30.58 37.07
C LEU B 150 17.02 -31.31 38.32
N ALA B 151 18.04 -30.76 39.00
CA ALA B 151 18.52 -31.32 40.26
C ALA B 151 17.38 -31.44 41.28
N ASN B 152 16.48 -30.46 41.26
CA ASN B 152 15.40 -30.36 42.24
C ASN B 152 14.17 -31.09 41.72
N THR B 153 13.83 -30.98 40.42
CA THR B 153 12.58 -31.55 39.94
C THR B 153 12.54 -31.73 38.41
N THR B 154 11.72 -32.73 37.99
CA THR B 154 11.41 -33.02 36.61
C THR B 154 9.96 -32.64 36.33
N GLU B 155 9.29 -32.06 37.33
CA GLU B 155 7.95 -31.52 37.20
C GLU B 155 7.98 -30.05 37.66
N PHE B 156 7.72 -29.12 36.73
CA PHE B 156 7.91 -27.71 36.97
C PHE B 156 7.11 -26.83 36.00
N ASP B 157 6.95 -25.55 36.33
CA ASP B 157 6.22 -24.64 35.45
C ASP B 157 7.21 -24.10 34.43
N ALA B 158 6.99 -24.38 33.13
CA ALA B 158 7.90 -23.94 32.09
C ALA B 158 7.97 -22.41 32.05
N VAL B 159 6.92 -21.74 32.58
CA VAL B 159 6.85 -20.28 32.66
C VAL B 159 7.72 -19.81 33.83
N THR B 160 7.23 -19.97 35.07
CA THR B 160 7.93 -19.52 36.26
C THR B 160 9.42 -19.86 36.19
N ASP B 161 9.73 -21.10 35.82
CA ASP B 161 11.01 -21.68 36.16
C ASP B 161 12.03 -21.60 35.03
N LEU B 162 11.55 -21.33 33.80
CA LEU B 162 12.43 -21.31 32.64
C LEU B 162 12.21 -20.02 31.85
N ALA B 163 11.01 -19.85 31.31
CA ALA B 163 10.76 -18.76 30.39
C ALA B 163 10.88 -17.42 31.10
N ALA B 164 10.38 -17.34 32.34
CA ALA B 164 10.45 -16.10 33.11
C ALA B 164 11.83 -15.92 33.75
N ALA B 165 12.42 -17.00 34.24
CA ALA B 165 13.60 -16.89 35.10
C ALA B 165 14.84 -16.53 34.28
N PHE B 166 14.89 -17.00 33.03
CA PHE B 166 16.10 -16.91 32.23
C PHE B 166 16.33 -15.47 31.76
N PRO B 167 15.37 -14.81 31.07
CA PRO B 167 15.54 -13.42 30.67
C PRO B 167 15.84 -12.48 31.85
N LEU B 168 15.12 -12.68 32.96
CA LEU B 168 15.32 -11.89 34.17
C LEU B 168 16.74 -12.03 34.70
N ARG B 169 17.40 -13.14 34.41
CA ARG B 169 18.80 -13.27 34.76
C ARG B 169 19.60 -12.42 33.77
N VAL B 170 19.65 -12.90 32.53
CA VAL B 170 20.70 -12.51 31.61
C VAL B 170 20.47 -11.10 31.08
N PHE B 171 19.20 -10.69 30.87
CA PHE B 171 19.00 -9.51 30.06
C PHE B 171 19.25 -8.25 30.89
N PRO B 172 18.56 -8.03 32.03
CA PRO B 172 18.84 -6.84 32.84
C PRO B 172 20.31 -6.68 33.17
N ASP B 173 21.00 -7.81 33.28
CA ASP B 173 22.43 -7.81 33.56
C ASP B 173 23.20 -7.23 32.38
N ALA B 174 22.86 -7.66 31.15
CA ALA B 174 23.50 -7.23 29.93
C ALA B 174 23.29 -5.74 29.61
N VAL B 175 22.11 -5.23 29.99
CA VAL B 175 21.81 -3.81 30.04
C VAL B 175 22.69 -3.12 31.10
N GLY B 176 22.72 -3.69 32.31
CA GLY B 176 23.58 -3.17 33.37
C GLY B 176 22.80 -2.50 34.50
N ILE B 177 21.59 -2.98 34.78
CA ILE B 177 20.80 -2.41 35.86
C ILE B 177 20.96 -3.26 37.10
N PRO B 178 20.65 -2.75 38.30
CA PRO B 178 20.78 -3.54 39.50
C PRO B 178 19.76 -4.66 39.64
N ASP B 179 20.01 -5.51 40.65
CA ASP B 179 19.12 -6.57 41.04
C ASP B 179 17.88 -5.97 41.69
N ALA B 180 18.07 -4.88 42.43
CA ALA B 180 16.96 -4.30 43.18
C ALA B 180 15.79 -3.99 42.25
N GLY B 181 14.77 -4.87 42.26
CA GLY B 181 13.45 -4.54 41.76
C GLY B 181 13.22 -4.91 40.29
N ARG B 182 13.85 -6.01 39.81
CA ARG B 182 13.73 -6.45 38.44
C ARG B 182 12.35 -7.06 38.16
N GLU B 183 11.65 -7.45 39.24
CA GLU B 183 10.35 -8.09 39.13
C GLU B 183 9.38 -7.10 38.50
N ASN B 184 9.64 -5.80 38.73
CA ASN B 184 8.88 -4.71 38.17
C ASN B 184 8.90 -4.74 36.64
N LEU B 185 9.90 -5.36 36.01
CA LEU B 185 10.01 -5.28 34.56
C LEU B 185 8.78 -5.91 33.92
N LEU B 186 8.31 -7.03 34.48
CA LEU B 186 7.20 -7.76 33.87
C LEU B 186 5.90 -6.96 33.93
N PRO B 187 5.43 -6.42 35.08
CA PRO B 187 4.17 -5.69 35.11
C PRO B 187 4.20 -4.35 34.34
N TYR B 188 5.40 -3.77 34.16
CA TYR B 188 5.56 -2.55 33.37
C TYR B 188 5.31 -2.83 31.88
N GLY B 189 5.97 -3.87 31.37
CA GLY B 189 5.81 -4.30 30.00
C GLY B 189 4.39 -4.76 29.73
N ASP B 190 3.84 -5.65 30.61
CA ASP B 190 2.44 -6.06 30.59
C ASP B 190 1.61 -4.81 30.38
N HIS B 191 1.84 -3.75 31.16
CA HIS B 191 0.96 -2.59 31.06
C HIS B 191 1.17 -1.88 29.73
N ALA B 192 2.44 -1.79 29.25
CA ALA B 192 2.75 -1.15 27.97
C ALA B 192 1.99 -1.82 26.82
N PHE B 193 1.92 -3.14 26.80
CA PHE B 193 1.28 -3.90 25.73
C PHE B 193 -0.24 -3.79 25.83
N ASN B 194 -0.79 -3.83 27.06
CA ASN B 194 -2.21 -3.59 27.27
C ASN B 194 -2.62 -2.20 26.76
N ALA B 195 -1.73 -1.21 26.98
CA ALA B 195 -2.01 0.21 26.74
C ALA B 195 -2.09 0.55 25.25
N PHE B 196 -1.57 -0.32 24.39
CA PHE B 196 -1.79 -0.22 22.95
C PHE B 196 -3.25 -0.50 22.59
N GLY B 197 -4.00 -1.13 23.51
CA GLY B 197 -5.39 -1.43 23.21
C GLY B 197 -6.29 -0.29 23.62
N PRO B 198 -7.63 -0.51 23.61
CA PRO B 198 -8.56 0.49 24.13
C PRO B 198 -8.41 0.58 25.64
N ALA B 199 -8.86 1.68 26.21
CA ALA B 199 -8.95 1.85 27.65
C ALA B 199 -10.03 0.93 28.23
N ASN B 200 -9.75 -0.38 28.25
CA ASN B 200 -10.67 -1.38 28.78
C ASN B 200 -10.17 -1.93 30.12
N GLY B 201 -10.84 -2.98 30.57
CA GLY B 201 -10.53 -3.67 31.83
C GLY B 201 -9.06 -4.05 31.96
N LEU B 202 -8.40 -4.43 30.86
CA LEU B 202 -7.02 -4.88 30.93
C LEU B 202 -6.09 -3.71 31.20
N VAL B 203 -6.47 -2.52 30.73
CA VAL B 203 -5.63 -1.34 30.92
C VAL B 203 -5.93 -0.78 32.32
N GLU B 204 -7.23 -0.71 32.65
CA GLU B 204 -7.74 -0.09 33.87
C GLU B 204 -7.06 -0.71 35.09
N LYS B 205 -6.90 -2.02 35.09
CA LYS B 205 -6.43 -2.76 36.25
C LYS B 205 -4.98 -2.41 36.60
N GLY B 206 -4.19 -1.97 35.61
CA GLY B 206 -2.79 -1.59 35.84
C GLY B 206 -2.62 -0.09 36.16
N ALA B 207 -3.71 0.66 36.11
CA ALA B 207 -3.65 2.09 36.38
C ALA B 207 -2.94 2.39 37.70
N PRO B 208 -3.31 1.79 38.86
CA PRO B 208 -2.69 2.15 40.14
C PRO B 208 -1.17 1.95 40.19
N ARG B 209 -0.61 1.18 39.24
CA ARG B 209 0.80 0.84 39.27
C ARG B 209 1.67 1.77 38.42
N VAL B 210 1.06 2.55 37.52
CA VAL B 210 1.80 3.31 36.53
C VAL B 210 2.85 4.19 37.19
N ALA B 211 2.47 4.97 38.21
CA ALA B 211 3.36 5.96 38.82
C ALA B 211 4.65 5.31 39.33
N GLU B 212 4.46 4.26 40.12
CA GLU B 212 5.52 3.56 40.83
C GLU B 212 6.38 2.78 39.85
N LEU B 213 5.71 2.13 38.90
CA LEU B 213 6.47 1.37 37.91
C LEU B 213 7.29 2.32 37.02
N SER B 214 6.66 3.41 36.55
CA SER B 214 7.35 4.39 35.72
C SER B 214 8.50 5.04 36.48
N GLY B 215 8.25 5.45 37.73
CA GLY B 215 9.30 5.95 38.61
C GLY B 215 10.48 4.99 38.69
N TRP B 216 10.22 3.68 38.86
CA TRP B 216 11.31 2.74 38.98
C TRP B 216 12.07 2.61 37.66
N VAL B 217 11.38 2.48 36.53
CA VAL B 217 12.08 2.21 35.27
C VAL B 217 12.98 3.40 34.91
N ASN B 218 12.45 4.62 35.03
CA ASN B 218 13.25 5.79 34.70
C ASN B 218 14.49 5.84 35.59
N ALA B 219 14.35 5.46 36.87
CA ALA B 219 15.45 5.50 37.81
C ALA B 219 16.59 4.61 37.30
N GLN B 220 16.27 3.50 36.61
CA GLN B 220 17.29 2.55 36.18
C GLN B 220 18.00 3.02 34.91
N CYS B 221 17.42 4.04 34.23
CA CYS B 221 17.91 4.53 32.95
C CYS B 221 19.04 5.57 33.12
N ALA B 222 19.09 6.21 34.31
CA ALA B 222 20.12 7.16 34.70
C ALA B 222 21.51 6.59 34.45
N ARG B 223 22.40 7.45 33.95
CA ARG B 223 23.77 6.99 33.72
C ARG B 223 24.35 6.40 35.00
N ASP B 224 24.07 7.06 36.14
CA ASP B 224 24.77 6.74 37.38
C ASP B 224 24.23 5.47 38.03
N ALA B 225 23.17 4.89 37.46
CA ALA B 225 22.56 3.67 37.98
C ALA B 225 23.01 2.48 37.14
N LEU B 226 23.51 2.74 35.93
CA LEU B 226 24.00 1.70 35.04
C LEU B 226 25.41 1.32 35.44
N THR B 227 25.66 0.01 35.44
CA THR B 227 26.97 -0.49 35.83
C THR B 227 27.54 -1.23 34.63
N GLY B 228 28.88 -1.11 34.56
CA GLY B 228 29.70 -1.93 33.70
C GLY B 228 29.82 -1.27 32.34
N ASP B 229 29.95 -2.15 31.34
CA ASP B 229 29.95 -1.79 29.95
C ASP B 229 28.81 -2.54 29.29
N GLY B 230 27.66 -2.64 29.97
CA GLY B 230 26.43 -3.18 29.39
C GLY B 230 25.79 -2.26 28.35
N PHE B 231 24.59 -2.62 27.87
CA PHE B 231 24.01 -1.90 26.73
C PHE B 231 23.75 -0.44 27.11
N GLY B 232 23.41 -0.20 28.38
CA GLY B 232 23.11 1.12 28.89
C GLY B 232 24.33 2.04 28.86
N ALA B 233 25.45 1.58 29.40
CA ALA B 233 26.70 2.32 29.36
C ALA B 233 27.03 2.64 27.91
N GLN B 234 26.81 1.66 27.02
CA GLN B 234 27.14 1.82 25.61
C GLN B 234 26.23 2.85 24.95
N ILE B 235 24.96 2.93 25.37
CA ILE B 235 24.02 3.95 24.89
C ILE B 235 24.48 5.37 25.28
N TRP B 236 24.86 5.52 26.54
CA TRP B 236 25.41 6.75 27.09
C TRP B 236 26.71 7.14 26.39
N ALA B 237 27.51 6.16 25.97
CA ALA B 237 28.75 6.43 25.26
C ALA B 237 28.42 6.99 23.87
N ALA B 238 27.26 6.61 23.30
CA ALA B 238 26.86 7.08 21.99
C ALA B 238 26.38 8.54 22.07
N ALA B 239 25.75 8.88 23.19
CA ALA B 239 25.43 10.26 23.50
C ALA B 239 26.73 11.08 23.61
N ASP B 240 27.75 10.55 24.29
CA ASP B 240 29.05 11.21 24.36
C ASP B 240 29.60 11.55 22.99
N ARG B 241 29.46 10.61 22.02
CA ARG B 241 29.94 10.82 20.66
C ARG B 241 28.96 11.70 19.87
N GLY B 242 27.84 12.03 20.51
CA GLY B 242 26.78 12.83 19.94
C GLY B 242 25.95 12.08 18.89
N ASP B 243 25.93 10.75 18.92
CA ASP B 243 25.03 10.00 18.06
C ASP B 243 23.59 10.30 18.42
N ILE B 244 23.39 10.55 19.71
CA ILE B 244 22.14 10.95 20.32
C ILE B 244 22.49 11.96 21.40
N THR B 245 21.47 12.55 22.03
CA THR B 245 21.67 13.55 23.06
C THR B 245 21.64 12.89 24.43
N TYR B 246 22.11 13.60 25.44
CA TYR B 246 22.01 13.11 26.81
C TYR B 246 20.55 12.98 27.25
N GLU B 247 19.64 13.71 26.61
CA GLU B 247 18.22 13.66 26.96
C GLU B 247 17.58 12.39 26.34
N GLN B 248 18.03 12.00 25.14
CA GLN B 248 17.57 10.77 24.53
C GLN B 248 18.15 9.55 25.24
N ALA B 249 19.37 9.64 25.77
CA ALA B 249 20.08 8.46 26.30
C ALA B 249 19.16 7.62 27.22
N PRO B 250 18.58 8.14 28.32
CA PRO B 250 17.82 7.28 29.23
C PRO B 250 16.54 6.71 28.60
N LEU B 251 16.00 7.40 27.58
CA LEU B 251 14.80 7.00 26.87
C LEU B 251 15.08 5.86 25.90
N VAL B 252 16.29 5.81 25.35
CA VAL B 252 16.81 4.67 24.60
C VAL B 252 16.95 3.50 25.56
N VAL B 253 17.46 3.75 26.78
CA VAL B 253 17.52 2.69 27.78
C VAL B 253 16.11 2.17 28.10
N ARG B 254 15.21 3.11 28.36
CA ARG B 254 13.83 2.83 28.71
C ARG B 254 13.19 1.95 27.65
N SER B 255 13.53 2.19 26.38
CA SER B 255 13.10 1.34 25.28
C SER B 255 13.46 -0.13 25.56
N LEU B 256 14.73 -0.37 25.86
CA LEU B 256 15.21 -1.73 26.12
C LEU B 256 14.48 -2.36 27.30
N LEU B 257 14.19 -1.58 28.36
CA LEU B 257 13.54 -2.10 29.54
C LEU B 257 12.02 -2.27 29.33
N THR B 258 11.50 -1.84 28.18
CA THR B 258 10.08 -1.97 27.94
C THR B 258 9.88 -3.15 26.98
N ALA B 259 10.64 -3.15 25.89
CA ALA B 259 10.41 -3.99 24.73
C ALA B 259 11.16 -5.30 24.87
N GLY B 260 12.05 -5.37 25.86
CA GLY B 260 13.04 -6.42 25.89
C GLY B 260 12.75 -7.52 26.91
N VAL B 261 11.64 -7.45 27.65
CA VAL B 261 11.52 -8.35 28.78
C VAL B 261 10.29 -9.24 28.58
N ASP B 262 9.10 -8.64 28.53
CA ASP B 262 7.87 -9.42 28.41
C ASP B 262 7.78 -10.19 27.09
N THR B 263 8.28 -9.58 26.01
CA THR B 263 8.31 -10.23 24.71
C THR B 263 9.08 -11.56 24.74
N THR B 264 10.31 -11.54 25.29
CA THR B 264 11.14 -12.74 25.35
C THR B 264 10.62 -13.76 26.36
N VAL B 265 10.07 -13.32 27.49
CA VAL B 265 9.48 -14.26 28.43
C VAL B 265 8.36 -15.06 27.77
N ASN B 266 7.44 -14.39 27.09
CA ASN B 266 6.27 -15.04 26.50
C ASN B 266 6.64 -15.80 25.23
N GLY B 267 7.64 -15.30 24.50
CA GLY B 267 8.22 -16.03 23.37
C GLY B 267 8.89 -17.33 23.82
N LEU B 268 9.66 -17.26 24.91
CA LEU B 268 10.28 -18.46 25.43
C LEU B 268 9.18 -19.39 25.98
N ALA B 269 8.22 -18.89 26.77
CA ALA B 269 7.08 -19.73 27.15
C ALA B 269 6.47 -20.42 25.92
N ALA B 270 6.23 -19.66 24.85
CA ALA B 270 5.59 -20.16 23.63
C ALA B 270 6.39 -21.27 22.97
N VAL B 271 7.74 -21.15 22.92
CA VAL B 271 8.54 -22.16 22.25
C VAL B 271 8.58 -23.42 23.13
N LEU B 272 8.57 -23.25 24.47
CA LEU B 272 8.56 -24.38 25.37
C LEU B 272 7.20 -25.08 25.25
N TYR B 273 6.11 -24.31 25.19
CA TYR B 273 4.80 -24.88 25.03
C TYR B 273 4.73 -25.68 23.72
N ALA B 274 5.20 -25.08 22.62
CA ALA B 274 5.15 -25.74 21.33
C ALA B 274 5.91 -27.09 21.39
N PHE B 275 7.11 -27.11 21.99
CA PHE B 275 7.89 -28.34 22.09
C PHE B 275 7.21 -29.38 22.99
N ALA B 276 6.63 -28.92 24.11
CA ALA B 276 5.90 -29.78 25.03
C ALA B 276 4.73 -30.49 24.34
N THR B 277 4.15 -29.86 23.31
CA THR B 277 2.94 -30.35 22.63
C THR B 277 3.24 -30.83 21.21
N HIS B 278 4.51 -30.81 20.77
CA HIS B 278 4.91 -31.32 19.47
C HIS B 278 6.15 -32.19 19.62
N PRO B 279 6.03 -33.43 20.14
CA PRO B 279 7.19 -34.28 20.37
C PRO B 279 8.06 -34.49 19.12
N ASP B 280 7.42 -34.60 17.97
CA ASP B 280 8.10 -34.68 16.69
C ASP B 280 9.17 -33.59 16.55
N GLN B 281 8.80 -32.35 16.93
CA GLN B 281 9.71 -31.22 16.78
C GLN B 281 10.77 -31.23 17.88
N TRP B 282 10.40 -31.57 19.11
CA TRP B 282 11.42 -31.77 20.13
C TRP B 282 12.49 -32.78 19.68
N ALA B 283 12.04 -33.92 19.15
CA ALA B 283 12.96 -34.97 18.75
C ALA B 283 13.89 -34.47 17.63
N ARG B 284 13.37 -33.60 16.74
CA ARG B 284 14.16 -33.09 15.65
C ARG B 284 15.30 -32.24 16.21
N LEU B 285 14.99 -31.50 17.28
CA LEU B 285 15.92 -30.63 17.97
C LEU B 285 17.04 -31.45 18.61
N ARG B 286 16.63 -32.46 19.36
CA ARG B 286 17.53 -33.42 19.98
C ARG B 286 18.45 -34.00 18.92
N GLU B 287 17.89 -34.32 17.75
CA GLU B 287 18.57 -34.96 16.63
C GLU B 287 19.59 -34.01 15.99
N ASN B 288 19.28 -32.70 15.96
CA ASN B 288 20.13 -31.69 15.35
C ASN B 288 20.19 -30.44 16.24
N ARG B 289 21.28 -30.27 17.00
CA ARG B 289 21.39 -29.23 18.01
C ARG B 289 21.38 -27.82 17.40
N THR B 290 21.76 -27.70 16.12
CA THR B 290 21.84 -26.41 15.45
C THR B 290 20.44 -25.83 15.21
N LEU B 291 19.39 -26.68 15.28
CA LEU B 291 18.02 -26.19 15.11
C LEU B 291 17.66 -25.22 16.23
N ALA B 292 18.31 -25.38 17.40
CA ALA B 292 18.15 -24.50 18.56
C ALA B 292 18.44 -23.04 18.20
N ARG B 293 19.34 -22.84 17.23
CA ARG B 293 19.62 -21.51 16.70
C ARG B 293 18.39 -20.95 15.96
N THR B 294 17.57 -21.85 15.38
CA THR B 294 16.55 -21.48 14.41
C THR B 294 15.13 -21.62 15.00
N ALA B 295 14.98 -22.43 16.06
CA ALA B 295 13.66 -22.80 16.58
C ALA B 295 12.77 -21.60 16.89
N PHE B 296 13.35 -20.57 17.49
CA PHE B 296 12.60 -19.49 18.09
C PHE B 296 11.90 -18.69 17.01
N ASP B 297 12.45 -18.69 15.79
CA ASP B 297 11.80 -17.88 14.78
C ASP B 297 10.51 -18.52 14.27
N GLU B 298 10.43 -19.86 14.21
CA GLU B 298 9.19 -20.55 13.92
C GLU B 298 8.16 -20.35 15.04
N ALA B 299 8.59 -20.31 16.31
CA ALA B 299 7.69 -20.06 17.43
C ALA B 299 7.13 -18.64 17.38
N VAL B 300 7.99 -17.66 17.02
CA VAL B 300 7.55 -16.26 16.84
C VAL B 300 6.48 -16.20 15.74
N ARG B 301 6.65 -16.91 14.64
CA ARG B 301 5.63 -16.92 13.62
C ARG B 301 4.36 -17.59 14.15
N TRP B 302 4.55 -18.76 14.79
CA TRP B 302 3.45 -19.65 15.06
C TRP B 302 2.63 -19.10 16.24
N GLU B 303 3.32 -18.55 17.26
CA GLU B 303 2.62 -17.93 18.39
C GLU B 303 2.27 -16.46 18.13
N SER B 304 3.18 -15.74 17.45
CA SER B 304 3.11 -14.29 17.28
C SER B 304 2.85 -13.60 18.63
N PRO B 305 3.82 -13.57 19.56
CA PRO B 305 3.57 -12.99 20.87
C PRO B 305 3.13 -11.54 20.83
N VAL B 306 3.70 -10.73 19.92
CA VAL B 306 3.10 -9.45 19.60
C VAL B 306 2.11 -9.67 18.47
N GLN B 307 0.81 -9.46 18.82
CA GLN B 307 -0.31 -9.86 18.01
C GLN B 307 -0.74 -8.76 17.05
N THR B 308 -0.64 -7.49 17.47
CA THR B 308 -1.24 -6.37 16.77
C THR B 308 -0.42 -5.09 16.98
N PHE B 309 -0.26 -4.32 15.89
CA PHE B 309 0.14 -2.93 15.92
C PHE B 309 -0.75 -2.11 14.98
N PHE B 310 -0.88 -0.82 15.32
CA PHE B 310 -1.58 0.15 14.53
C PHE B 310 -0.59 1.06 13.82
N ARG B 311 -1.11 1.73 12.79
CA ARG B 311 -0.48 2.90 12.18
C ARG B 311 -1.56 3.94 11.89
N THR B 312 -1.13 5.16 11.57
CA THR B 312 -2.08 6.20 11.19
C THR B 312 -1.75 6.65 9.76
N ALA B 313 -2.75 6.73 8.88
CA ALA B 313 -2.52 7.25 7.54
C ALA B 313 -2.21 8.75 7.56
N THR B 314 -1.17 9.12 6.80
CA THR B 314 -0.70 10.49 6.69
C THR B 314 -1.42 11.19 5.53
N ARG B 315 -2.13 10.39 4.74
CA ARG B 315 -2.81 10.82 3.55
C ARG B 315 -3.79 9.71 3.17
N ASP B 316 -4.75 10.02 2.31
CA ASP B 316 -5.59 8.98 1.72
C ASP B 316 -4.68 7.97 1.05
N THR B 317 -4.70 6.73 1.56
CA THR B 317 -3.84 5.67 1.05
C THR B 317 -4.70 4.51 0.62
N GLU B 318 -4.42 3.99 -0.58
CA GLU B 318 -5.02 2.73 -1.00
C GLU B 318 -4.17 1.58 -0.48
N ILE B 319 -4.85 0.60 0.13
CA ILE B 319 -4.26 -0.69 0.42
C ILE B 319 -5.37 -1.73 0.32
N GLY B 320 -5.00 -2.90 -0.22
CA GLY B 320 -5.93 -4.01 -0.44
C GLY B 320 -7.21 -3.61 -1.16
N GLY B 321 -7.10 -2.68 -2.11
CA GLY B 321 -8.25 -2.21 -2.86
C GLY B 321 -9.19 -1.29 -2.07
N ALA B 322 -8.86 -0.99 -0.80
CA ALA B 322 -9.67 -0.02 -0.05
C ALA B 322 -8.93 1.31 0.13
N THR B 323 -9.69 2.37 0.42
CA THR B 323 -9.14 3.67 0.71
C THR B 323 -9.14 3.90 2.22
N ILE B 324 -7.94 4.03 2.75
CA ILE B 324 -7.75 4.44 4.13
C ILE B 324 -7.69 5.97 4.18
N PRO B 325 -8.71 6.67 4.76
CA PRO B 325 -8.71 8.12 4.74
C PRO B 325 -7.60 8.70 5.62
N ASP B 326 -7.13 9.88 5.21
CA ASP B 326 -6.09 10.57 5.92
C ASP B 326 -6.49 10.66 7.39
N GLY B 327 -5.56 10.24 8.27
CA GLY B 327 -5.73 10.38 9.71
C GLY B 327 -6.51 9.23 10.36
N LYS B 328 -6.93 8.25 9.56
CA LYS B 328 -7.53 7.02 10.11
C LYS B 328 -6.47 5.97 10.43
N LYS B 329 -6.75 5.13 11.45
CA LYS B 329 -5.84 4.06 11.83
C LYS B 329 -6.12 2.76 11.07
N ILE B 330 -5.04 2.05 10.75
CA ILE B 330 -5.05 0.63 10.45
C ILE B 330 -4.64 -0.15 11.69
N LEU B 331 -5.25 -1.33 11.79
CA LEU B 331 -4.83 -2.34 12.74
C LEU B 331 -4.28 -3.53 11.97
N MET B 332 -2.97 -3.77 12.20
CA MET B 332 -2.25 -4.85 11.56
C MET B 332 -2.18 -6.03 12.53
N PHE B 333 -2.75 -7.17 12.06
CA PHE B 333 -2.73 -8.44 12.75
C PHE B 333 -1.51 -9.24 12.34
N LEU B 334 -0.45 -9.11 13.12
CA LEU B 334 0.80 -9.84 12.87
C LEU B 334 0.59 -11.36 13.00
N GLY B 335 -0.20 -11.77 14.00
CA GLY B 335 -0.40 -13.18 14.20
C GLY B 335 -1.23 -13.78 13.07
N ALA B 336 -2.25 -13.05 12.62
CA ALA B 336 -3.06 -13.48 11.50
C ALA B 336 -2.20 -13.59 10.24
N ALA B 337 -1.33 -12.60 10.04
CA ALA B 337 -0.47 -12.56 8.87
C ALA B 337 0.44 -13.77 8.84
N ASN B 338 0.90 -14.14 10.05
CA ASN B 338 1.84 -15.24 10.24
C ASN B 338 1.16 -16.61 10.11
N ARG B 339 -0.18 -16.65 10.05
CA ARG B 339 -0.89 -17.90 9.88
C ARG B 339 -1.73 -17.86 8.61
N ASP B 340 -1.32 -16.95 7.70
CA ASP B 340 -2.08 -16.73 6.48
C ASP B 340 -1.72 -17.85 5.53
N PRO B 341 -2.67 -18.74 5.19
CA PRO B 341 -2.43 -19.84 4.24
C PRO B 341 -1.99 -19.40 2.86
N ARG B 342 -2.32 -18.17 2.49
CA ARG B 342 -1.88 -17.62 1.21
C ARG B 342 -0.36 -17.52 1.17
N ARG B 343 0.30 -17.33 2.34
CA ARG B 343 1.76 -17.20 2.35
C ARG B 343 2.42 -18.46 2.89
N TRP B 344 1.72 -19.15 3.81
CA TRP B 344 2.31 -20.24 4.56
C TRP B 344 1.59 -21.54 4.21
N GLU B 345 2.40 -22.61 4.06
CA GLU B 345 1.93 -23.99 3.99
C GLU B 345 1.65 -24.55 5.40
N ASN B 346 0.38 -24.96 5.63
CA ASN B 346 -0.08 -25.48 6.89
C ASN B 346 0.30 -24.58 8.06
N PRO B 347 -0.17 -23.33 8.11
CA PRO B 347 0.43 -22.38 9.03
C PRO B 347 0.24 -22.77 10.49
N GLU B 348 -0.81 -23.56 10.77
CA GLU B 348 -1.11 -24.00 12.12
C GLU B 348 -0.01 -24.93 12.65
N VAL B 349 0.80 -25.52 11.75
CA VAL B 349 1.82 -26.49 12.11
C VAL B 349 3.08 -25.77 12.60
N PHE B 350 3.58 -26.17 13.78
CA PHE B 350 4.86 -25.71 14.28
C PHE B 350 5.93 -26.63 13.73
N ASP B 351 6.72 -26.15 12.73
CA ASP B 351 7.61 -26.98 11.94
C ASP B 351 9.04 -26.43 11.89
N LEU B 352 9.99 -27.08 12.56
CA LEU B 352 11.39 -26.69 12.54
C LEU B 352 11.93 -26.80 11.09
N GLY B 353 11.31 -27.65 10.27
CA GLY B 353 11.72 -27.82 8.88
C GLY B 353 11.25 -26.66 8.00
N ARG B 354 10.25 -25.89 8.47
CA ARG B 354 9.81 -24.73 7.73
C ARG B 354 10.92 -23.67 7.72
N ASN B 355 10.98 -22.89 6.62
CA ASN B 355 11.74 -21.63 6.63
C ASN B 355 10.79 -20.52 7.07
N PRO B 356 10.95 -19.99 8.30
CA PRO B 356 10.05 -18.97 8.82
C PRO B 356 10.44 -17.56 8.41
N SER B 357 11.62 -17.43 7.79
CA SER B 357 12.10 -16.15 7.30
C SER B 357 11.00 -15.43 6.52
N GLY B 358 10.71 -14.17 6.90
CA GLY B 358 9.69 -13.38 6.26
C GLY B 358 8.43 -13.28 7.10
N HIS B 359 8.44 -13.96 8.27
CA HIS B 359 7.37 -13.73 9.23
C HIS B 359 7.42 -12.27 9.70
N VAL B 360 6.25 -11.80 10.14
CA VAL B 360 6.09 -10.43 10.58
C VAL B 360 5.95 -10.34 12.10
N GLY B 361 6.43 -11.37 12.81
CA GLY B 361 6.41 -11.42 14.27
C GLY B 361 7.28 -10.35 14.93
N TYR B 362 8.33 -9.89 14.21
CA TYR B 362 9.17 -8.80 14.68
C TYR B 362 8.82 -7.52 13.90
N GLY B 363 7.77 -7.57 13.10
CA GLY B 363 7.54 -6.50 12.16
C GLY B 363 8.42 -6.65 10.91
N MET B 364 8.52 -5.53 10.18
CA MET B 364 9.13 -5.45 8.86
C MET B 364 9.32 -3.97 8.49
N GLY B 365 10.51 -3.67 7.93
CA GLY B 365 10.90 -2.32 7.55
C GLY B 365 11.65 -1.63 8.67
N ILE B 366 11.53 -0.30 8.72
CA ILE B 366 12.44 0.52 9.50
C ILE B 366 12.23 0.34 11.00
N HIS B 367 11.05 -0.11 11.42
CA HIS B 367 10.88 -0.37 12.83
C HIS B 367 11.13 -1.85 13.17
N GLN B 368 11.50 -2.67 12.19
CA GLN B 368 11.55 -4.10 12.50
C GLN B 368 12.40 -4.34 13.74
N CYS B 369 11.93 -5.24 14.63
CA CYS B 369 12.47 -5.35 15.98
C CYS B 369 14.00 -5.31 16.01
N VAL B 370 14.56 -4.29 16.63
CA VAL B 370 16.02 -4.17 16.72
C VAL B 370 16.61 -5.14 17.75
N GLY B 371 15.73 -5.71 18.60
CA GLY B 371 16.16 -6.67 19.60
C GLY B 371 16.06 -8.13 19.17
N GLN B 372 15.90 -8.43 17.88
CA GLN B 372 15.60 -9.79 17.46
C GLN B 372 16.80 -10.70 17.72
N HIS B 373 18.02 -10.14 17.59
CA HIS B 373 19.23 -10.92 17.82
C HIS B 373 19.37 -11.26 19.30
N VAL B 374 18.98 -10.32 20.18
CA VAL B 374 19.00 -10.62 21.59
C VAL B 374 18.03 -11.79 21.87
N ALA B 375 16.81 -11.69 21.35
CA ALA B 375 15.80 -12.68 21.67
C ALA B 375 16.26 -14.05 21.17
N ARG B 376 16.77 -14.09 19.92
CA ARG B 376 17.28 -15.33 19.36
C ARG B 376 18.34 -15.97 20.24
N LEU B 377 19.25 -15.14 20.77
CA LEU B 377 20.37 -15.68 21.54
C LEU B 377 19.85 -16.28 22.84
N GLU B 378 18.85 -15.61 23.45
CA GLU B 378 18.24 -16.12 24.66
C GLU B 378 17.60 -17.48 24.38
N SER B 379 16.89 -17.60 23.26
CA SER B 379 16.25 -18.87 22.93
C SER B 379 17.30 -19.94 22.67
N GLU B 380 18.28 -19.60 21.85
CA GLU B 380 19.37 -20.50 21.54
C GLU B 380 20.02 -21.01 22.82
N ALA B 381 20.34 -20.12 23.77
CA ALA B 381 20.96 -20.57 25.01
C ALA B 381 20.02 -21.51 25.73
N LEU B 382 18.77 -21.10 25.94
CA LEU B 382 17.84 -21.89 26.72
C LEU B 382 17.63 -23.23 26.00
N LEU B 383 17.33 -23.21 24.70
CA LEU B 383 17.06 -24.50 24.04
C LEU B 383 18.26 -25.44 24.10
N THR B 384 19.49 -24.93 23.99
CA THR B 384 20.61 -25.85 23.96
C THR B 384 20.77 -26.52 25.33
N ALA B 385 20.66 -25.74 26.42
CA ALA B 385 20.79 -26.28 27.77
C ALA B 385 19.77 -27.37 27.99
N LEU B 386 18.52 -27.12 27.54
CA LEU B 386 17.43 -28.04 27.77
C LEU B 386 17.58 -29.32 26.97
N ALA B 387 17.90 -29.18 25.68
CA ALA B 387 17.90 -30.30 24.75
C ALA B 387 19.04 -31.24 25.10
N SER B 388 20.03 -30.74 25.83
CA SER B 388 21.17 -31.58 26.16
C SER B 388 20.81 -32.45 27.34
N ARG B 389 19.82 -32.05 28.15
CA ARG B 389 19.52 -32.77 29.38
C ARG B 389 18.21 -33.55 29.30
N VAL B 390 17.27 -33.17 28.42
CA VAL B 390 15.90 -33.68 28.47
C VAL B 390 15.64 -34.56 27.26
N HIS B 391 15.40 -35.85 27.53
CA HIS B 391 14.96 -36.81 26.50
C HIS B 391 13.62 -36.36 25.93
N SER B 392 12.67 -36.06 26.83
CA SER B 392 11.26 -35.93 26.50
C SER B 392 10.63 -34.86 27.38
N LEU B 393 9.65 -34.16 26.80
CA LEU B 393 9.00 -32.99 27.39
C LEU B 393 7.51 -33.10 27.08
N GLU B 394 6.65 -33.05 28.12
CA GLU B 394 5.21 -33.11 27.90
C GLU B 394 4.50 -32.21 28.90
N ILE B 395 3.29 -31.76 28.53
CA ILE B 395 2.40 -31.08 29.46
C ILE B 395 2.08 -32.03 30.62
N ALA B 396 2.16 -31.51 31.86
CA ALA B 396 1.82 -32.23 33.07
C ALA B 396 0.48 -31.79 33.69
N GLY B 397 -0.18 -30.75 33.19
CA GLY B 397 -1.41 -30.28 33.78
C GLY B 397 -2.00 -29.11 33.00
N PRO B 398 -3.18 -28.56 33.40
CA PRO B 398 -3.77 -27.48 32.63
C PRO B 398 -2.82 -26.30 32.49
N VAL B 399 -2.81 -25.73 31.27
CA VAL B 399 -2.08 -24.52 30.95
C VAL B 399 -3.06 -23.35 31.06
N HIS B 400 -2.54 -22.19 31.48
N HIS B 400 -2.52 -22.19 31.45
CA HIS B 400 -3.35 -20.98 31.55
CA HIS B 400 -3.32 -20.98 31.60
C HIS B 400 -2.63 -19.84 30.84
C HIS B 400 -2.64 -19.83 30.86
N ARG B 401 -3.41 -19.12 30.02
CA ARG B 401 -2.96 -17.91 29.38
C ARG B 401 -3.32 -16.72 30.28
N HIS B 402 -2.39 -15.77 30.35
CA HIS B 402 -2.62 -14.45 30.92
C HIS B 402 -3.04 -13.49 29.81
N LEU B 403 -4.26 -12.97 29.91
CA LEU B 403 -4.83 -12.19 28.83
C LEU B 403 -4.18 -10.80 28.83
N ASN B 404 -3.87 -10.31 27.61
CA ASN B 404 -3.27 -8.98 27.36
C ASN B 404 -3.79 -8.46 26.02
N ASN B 405 -4.05 -7.14 25.90
CA ASN B 405 -4.64 -6.65 24.66
C ASN B 405 -3.75 -6.92 23.45
N THR B 406 -2.43 -6.83 23.61
CA THR B 406 -1.49 -6.94 22.51
C THR B 406 -0.62 -8.21 22.56
N LEU B 407 -0.29 -8.67 23.78
CA LEU B 407 0.75 -9.66 23.95
C LEU B 407 0.12 -11.00 24.34
N ARG B 408 0.25 -12.01 23.47
CA ARG B 408 -0.04 -13.39 23.85
C ARG B 408 0.92 -13.75 24.98
N SER B 409 0.33 -14.03 26.14
CA SER B 409 1.08 -14.23 27.37
C SER B 409 0.66 -15.55 28.00
N TRP B 410 1.61 -16.19 28.68
CA TRP B 410 1.34 -17.46 29.34
C TRP B 410 1.41 -17.22 30.83
N GLU B 411 0.34 -17.57 31.54
CA GLU B 411 0.35 -17.53 32.99
C GLU B 411 1.13 -18.75 33.51
N SER B 412 0.91 -19.93 32.92
CA SER B 412 1.43 -21.16 33.49
C SER B 412 1.45 -22.27 32.44
N VAL B 413 2.49 -23.12 32.50
CA VAL B 413 2.68 -24.18 31.53
C VAL B 413 3.33 -25.36 32.26
N PRO B 414 2.55 -26.16 33.04
CA PRO B 414 3.16 -27.24 33.85
C PRO B 414 3.74 -28.28 32.92
N VAL B 415 5.01 -28.67 33.11
CA VAL B 415 5.57 -29.74 32.29
C VAL B 415 6.17 -30.85 33.15
N LYS B 416 6.35 -32.01 32.51
CA LYS B 416 7.10 -33.14 33.05
C LYS B 416 8.17 -33.50 32.03
N VAL B 417 9.42 -33.57 32.48
CA VAL B 417 10.52 -33.96 31.60
C VAL B 417 10.95 -35.36 32.00
N ARG B 418 11.44 -36.14 31.03
CA ARG B 418 12.14 -37.40 31.30
C ARG B 418 13.61 -37.23 30.92
N LEU B 419 14.51 -37.58 31.86
CA LEU B 419 15.94 -37.60 31.61
C LEU B 419 16.34 -38.83 30.80
N PRO B 420 17.47 -38.76 30.04
CA PRO B 420 17.99 -39.91 29.29
C PRO B 420 18.02 -41.23 30.06
CHA HEM C . -5.79 5.68 -27.65
CHB HEM C . -10.62 5.41 -27.21
CHC HEM C . -10.64 9.54 -24.70
CHD HEM C . -5.86 9.12 -24.31
C1A HEM C . -7.13 5.23 -27.73
C2A HEM C . -7.55 3.99 -28.33
C3A HEM C . -8.92 3.94 -28.23
C4A HEM C . -9.33 5.09 -27.52
CMA HEM C . -9.86 2.80 -28.68
CAA HEM C . -6.66 2.93 -28.96
CBA HEM C . -6.51 3.20 -30.44
CGA HEM C . -5.47 2.41 -31.17
O1A HEM C . -5.41 2.62 -32.43
O2A HEM C . -4.71 1.58 -30.58
C1B HEM C . -11.06 6.55 -26.54
C2B HEM C . -12.43 6.89 -26.36
C3B HEM C . -12.41 8.07 -25.68
C4B HEM C . -11.02 8.42 -25.45
CMB HEM C . -13.66 6.14 -26.83
CAB HEM C . -13.46 8.96 -25.14
CBB HEM C . -14.74 8.72 -25.27
C1C HEM C . -9.33 9.77 -24.30
C2C HEM C . -8.84 10.84 -23.50
C3C HEM C . -7.47 10.68 -23.43
C4C HEM C . -7.15 9.54 -24.15
CMC HEM C . -9.64 11.96 -22.86
CAC HEM C . -6.47 11.45 -22.71
CBC HEM C . -6.78 12.42 -21.86
C1D HEM C . -5.48 8.16 -25.24
C2D HEM C . -4.07 7.88 -25.50
C3D HEM C . -4.04 6.92 -26.46
C4D HEM C . -5.46 6.67 -26.77
CMD HEM C . -2.89 8.51 -24.83
CAD HEM C . -2.83 6.28 -27.09
CBD HEM C . -2.47 4.79 -26.79
CGD HEM C . -1.10 4.48 -27.36
O1D HEM C . -0.62 3.32 -27.15
O2D HEM C . -0.43 5.37 -28.01
NA HEM C . -8.24 5.86 -27.24
NB HEM C . -10.29 7.47 -26.00
NC HEM C . -8.29 9.02 -24.67
ND HEM C . -6.29 7.42 -26.01
FE HEM C . -8.22 7.45 -26.06
HHB HEM C . -11.32 4.79 -27.52
HHC HEM C . -11.32 10.16 -24.39
HHD HEM C . -5.16 9.60 -23.83
HMA HEM C . -9.96 2.16 -27.94
HMAA HEM C . -9.47 2.35 -29.46
HMAB HEM C . -10.74 3.17 -28.91
HAA HEM C . -7.07 2.03 -28.82
HAAA HEM C . -5.77 2.96 -28.52
HBA HEM C . -6.29 4.16 -30.55
HBAA HEM C . -7.38 3.04 -30.88
HMB HEM C . -13.38 5.31 -27.30
HMBA HEM C . -14.17 6.70 -27.46
HMBB HEM C . -14.23 5.89 -26.07
HAB HEM C . -13.20 9.76 -24.66
HBB HEM C . -15.07 7.93 -25.74
HBBA HEM C . -15.39 9.35 -24.88
HMC HEM C . -10.59 11.87 -23.11
HMCA HEM C . -9.30 12.82 -23.17
HMCB HEM C . -9.57 11.89 -21.87
HAC HEM C . -5.52 11.22 -22.77
HBC HEM C . -7.70 12.71 -21.72
HBCA HEM C . -6.07 12.88 -21.40
HMD HEM C . -3.17 9.20 -24.18
HMDA HEM C . -2.30 8.92 -25.51
HMDB HEM C . -2.38 7.81 -24.35
HAD HEM C . -2.05 6.83 -26.83
HADA HEM C . -2.93 6.37 -28.08
HBD HEM C . -3.15 4.21 -27.23
HBDA HEM C . -2.48 4.63 -25.83
HHA HEM C . -5.06 5.21 -28.08
O1 TWO D . -8.98 -0.71 -26.42
C7 TWO D . -8.86 -0.66 -25.16
O2 TWO D . -9.47 -1.42 -24.36
C5 TWO D . -8.11 0.50 -24.59
C4 TWO D . -7.88 0.61 -23.22
C3 TWO D . -7.20 1.72 -22.71
O4 TWO D . -6.89 1.93 -21.39
C9 TWO D . -7.37 1.02 -20.40
C2 TWO D . -6.73 2.70 -23.60
O3 TWO D . -6.11 3.76 -23.04
C8 TWO D . -5.85 4.89 -23.86
C1 TWO D . -6.98 2.59 -24.97
C6 TWO D . -7.67 1.50 -25.45
H2 TWO D . -8.18 -0.06 -22.63
H3 TWO D . -8.34 1.02 -20.42
H4 TWO D . -7.06 1.30 -19.53
H5 TWO D . -7.05 0.13 -20.60
H6 TWO D . -5.24 4.64 -24.57
H7 TWO D . -5.47 5.60 -23.33
H8 TWO D . -6.69 5.20 -24.26
H9 TWO D . -6.69 3.26 -25.56
H10 TWO D . -7.83 1.43 -26.39
CHA HEM E . 10.23 -3.51 17.70
CHB HEM E . 13.34 -4.11 21.39
CHC HEM E . 12.15 -8.79 21.51
CHD HEM E . 8.45 -7.88 18.56
C1A HEM E . 11.14 -3.26 18.72
C2A HEM E . 11.69 -1.99 19.06
C3A HEM E . 12.56 -2.15 20.10
C4A HEM E . 12.55 -3.55 20.41
CMA HEM E . 13.38 -1.09 20.81
CAA HEM E . 11.41 -0.65 18.43
CBA HEM E . 12.37 -0.43 17.25
CGA HEM E . 11.93 0.76 16.40
O1A HEM E . 12.69 1.16 15.48
O2A HEM E . 10.83 1.34 16.60
C1B HEM E . 13.35 -5.48 21.69
C2B HEM E . 14.20 -6.08 22.65
C3B HEM E . 13.88 -7.42 22.68
C4B HEM E . 12.76 -7.58 21.73
CMB HEM E . 15.27 -5.39 23.48
CAB HEM E . 14.39 -8.60 23.45
CBB HEM E . 15.43 -8.53 24.26
C1C HEM E . 10.97 -9.00 20.78
C2C HEM E . 10.21 -10.19 20.63
C3C HEM E . 9.14 -9.86 19.77
C4C HEM E . 9.27 -8.51 19.42
CMC HEM E . 10.55 -11.55 21.32
CAC HEM E . 8.01 -10.68 19.23
CBC HEM E . 7.91 -11.99 19.42
C1D HEM E . 8.70 -6.63 18.09
C2D HEM E . 7.85 -6.05 17.05
C3D HEM E . 8.33 -4.81 16.79
C4D HEM E . 9.51 -4.69 17.66
CMD HEM E . 6.59 -6.66 16.42
CAD HEM E . 7.77 -3.86 15.76
CBD HEM E . 7.03 -2.58 16.16
CGD HEM E . 6.45 -1.82 14.97
O1D HEM E . 6.59 -2.13 13.76
O2D HEM E . 5.70 -0.85 15.22
NA HEM E . 11.68 -4.20 19.58
NB HEM E . 12.52 -6.39 21.17
NC HEM E . 10.42 -8.02 20.02
ND HEM E . 9.69 -5.78 18.43
FE HEM E . 11.11 -6.11 19.68
HHB HEM E . 13.93 -3.53 21.87
HHC HEM E . 12.51 -9.56 21.98
HHD HEM E . 7.68 -8.37 18.21
HMA HEM E . 12.87 -0.76 21.60
HMAA HEM E . 13.56 -0.33 20.20
HMAB HEM E . 14.24 -1.46 21.11
HAA HEM E . 11.53 0.08 19.10
HAAA HEM E . 10.48 -0.64 18.11
HBA HEM E . 12.39 -1.24 16.68
HBAA HEM E . 13.29 -0.26 17.59
HMB HEM E . 15.28 -4.42 23.29
HMBA HEM E . 16.16 -5.76 23.25
HMBB HEM E . 15.11 -5.52 24.45
HAB HEM E . 13.97 -9.46 23.30
HBB HEM E . 15.89 -7.70 24.42
HBBA HEM E . 15.72 -9.35 24.72
HMC HEM E . 11.35 -11.45 21.89
HMCA HEM E . 10.72 -12.23 20.63
HMCB HEM E . 9.78 -11.83 21.87
HAC HEM E . 7.35 -10.26 18.65
HBC HEM E . 8.55 -12.47 19.95
HBCA HEM E . 7.15 -12.45 19.01
HMD HEM E . 6.44 -7.57 16.76
HMDA HEM E . 6.70 -6.68 15.44
HMDB HEM E . 5.82 -6.09 16.65
HAD HEM E . 7.14 -4.38 15.19
HADA HEM E . 8.52 -3.59 15.20
HBD HEM E . 7.66 -2.00 16.63
HBDA HEM E . 6.30 -2.81 16.78
HHA HEM E . 9.94 -2.80 17.09
O1 TWO F . 10.49 1.38 22.73
C7 TWO F . 9.58 0.86 23.46
O2 TWO F . 9.31 1.20 24.61
C5 TWO F . 8.86 -0.30 22.90
C4 TWO F . 7.74 -0.85 23.56
C3 TWO F . 7.12 -1.98 23.04
O4 TWO F . 6.01 -2.62 23.54
C9 TWO F . 5.44 -2.18 24.76
C2 TWO F . 7.60 -2.55 21.83
O3 TWO F . 6.89 -3.63 21.39
C8 TWO F . 7.38 -4.33 20.26
C1 TWO F . 8.72 -2.01 21.20
C6 TWO F . 9.35 -0.90 21.74
H2 TWO F . 7.43 -0.47 24.36
H3 TWO F . 6.07 -2.35 25.49
H4 TWO F . 4.62 -2.68 24.93
H5 TWO F . 5.25 -1.23 24.71
H6 TWO F . 7.39 -3.73 19.48
H7 TWO F . 6.80 -5.09 20.07
H8 TWO F . 8.28 -4.64 20.44
H9 TWO F . 9.03 -2.38 20.40
H10 TWO F . 10.10 -0.53 21.30
C1 GOL G . 13.70 -10.92 10.50
O1 GOL G . 14.82 -10.98 9.64
C2 GOL G . 12.42 -10.85 9.69
O2 GOL G . 12.76 -10.41 8.36
C3 GOL G . 11.69 -12.15 9.61
O3 GOL G . 10.73 -12.06 8.56
H11 GOL G . 13.77 -10.13 11.08
H12 GOL G . 13.68 -11.73 11.07
HO1 GOL G . 15.51 -11.01 10.13
H2 GOL G . 11.83 -10.19 10.11
HO2 GOL G . 13.30 -10.96 8.05
H31 GOL G . 11.24 -12.33 10.47
H32 GOL G . 12.32 -12.88 9.42
HO3 GOL G . 10.34 -12.88 8.60
C1 GOL H . 14.88 16.11 16.83
O1 GOL H . 15.63 14.96 16.46
C2 GOL H . 14.04 15.78 18.03
O2 GOL H . 13.82 14.37 18.00
C3 GOL H . 14.67 16.22 19.35
O3 GOL H . 14.94 15.11 20.21
H11 GOL H . 14.31 16.38 16.08
H12 GOL H . 15.49 16.86 17.05
HO1 GOL H . 16.11 15.14 15.80
H2 GOL H . 13.17 16.23 17.93
HO2 GOL H . 14.58 14.00 18.03
H31 GOL H . 14.05 16.83 19.80
H32 GOL H . 15.50 16.69 19.16
HO3 GOL H . 15.30 15.42 20.91
#